data_6NCP
#
_entry.id   6NCP
#
_cell.length_a   78.444
_cell.length_b   78.444
_cell.length_c   340.854
_cell.angle_alpha   90.000
_cell.angle_beta   90.000
_cell.angle_gamma   120.000
#
_symmetry.space_group_name_H-M   'P 65'
#
loop_
_entity.id
_entity.type
_entity.pdbx_description
1 polymer 'ACS202 Fab heavy chain'
2 polymer 'ACS202 Fab light chain'
3 polymer 'HIV-1 Fusion Peptide (residues 512-520)'
4 polymer 'His-tag of fusion peptide'
5 non-polymer 'SULFATE ION'
6 non-polymer GLYCINE
7 water water
#
loop_
_entity_poly.entity_id
_entity_poly.type
_entity_poly.pdbx_seq_one_letter_code
_entity_poly.pdbx_strand_id
1 'polypeptide(L)'
;QVQLVESGGGVVQPGGSLRLSCAASGFAFKDFGMHWVRQAPGKGLEWVAVIGGGHGQHQSYSESVKGRFAITRDNEKNKL
YLHMDRLRTEDTAVYYCAKDRLGRPWNIGGRLVYYYYGMDVWGQGTTVTVSSASTKGPSVFPLAPSSKSTSGGTAALGCL
VKDYFPEPVTVSWNSGALTSGVHTFPAVLQSSGLYSLSSVVTVPSSSLGTQTYICNVNHKPSNTKVDKKVEPKSCD
;
A,C
2 'polypeptide(L)'
;AIRMTQSPSSLSASVGDRVTITCQASQDIKKSLNWYRQKPGKAPELLIHDASILQTGVPSAFTASGSGTHFSFVINKLQP
EDVGTYFCQEYENLQFTFGPGTKVEIKRTVAAPSVFIFPPSDEQLKSGTASVVCLLNNFYPREAKVQWKVDNALQSGNSQ
ESVTEQDSKDSTYSLSSTLTLSKADYEKHKVYACEVTHQGLSSPVTKSFNRGEC
;
B,D
3 'polypeptide(L)' AVGIGAVFL E
4 'polypeptide(L)' HHHHH F
#
# COMPACT_ATOMS: atom_id res chain seq x y z
N GLN A 1 -19.22 13.23 30.98
CA GLN A 1 -19.28 12.77 32.36
C GLN A 1 -17.88 12.58 32.99
N VAL A 2 -17.11 11.59 32.52
CA VAL A 2 -15.76 11.39 33.02
C VAL A 2 -14.81 12.19 32.12
N GLN A 3 -14.12 13.16 32.71
CA GLN A 3 -13.31 14.11 31.95
C GLN A 3 -11.92 14.24 32.55
N LEU A 4 -10.91 14.19 31.68
CA LEU A 4 -9.51 14.40 32.04
C LEU A 4 -8.94 15.49 31.13
N VAL A 5 -8.47 16.58 31.71
CA VAL A 5 -7.93 17.70 30.94
C VAL A 5 -6.48 17.94 31.35
N GLU A 6 -5.58 17.93 30.38
CA GLU A 6 -4.16 18.16 30.62
C GLU A 6 -3.83 19.65 30.45
N SER A 7 -2.73 20.06 31.09
CA SER A 7 -2.26 21.43 30.99
C SER A 7 -0.81 21.49 31.45
N GLY A 8 -0.16 22.61 31.16
CA GLY A 8 1.21 22.85 31.56
C GLY A 8 2.23 22.58 30.48
N GLY A 9 1.81 22.06 29.33
CA GLY A 9 2.74 21.77 28.25
C GLY A 9 3.25 23.04 27.59
N GLY A 10 4.31 22.86 26.80
CA GLY A 10 4.91 23.98 26.10
C GLY A 10 6.36 23.66 25.76
N VAL A 11 7.12 24.72 25.52
CA VAL A 11 8.53 24.60 25.12
C VAL A 11 9.38 24.70 26.38
N VAL A 12 10.49 23.96 26.40
CA VAL A 12 11.43 24.00 27.52
C VAL A 12 12.83 23.72 26.99
N GLN A 13 13.82 24.46 27.51
CA GLN A 13 15.21 24.19 27.16
C GLN A 13 15.58 22.75 27.50
N PRO A 14 16.44 22.12 26.70
CA PRO A 14 17.01 20.83 27.12
C PRO A 14 17.69 20.96 28.47
N GLY A 15 17.53 19.94 29.31
CA GLY A 15 18.01 20.04 30.67
C GLY A 15 17.16 20.93 31.56
N GLY A 16 16.06 21.47 31.04
CA GLY A 16 15.19 22.33 31.81
C GLY A 16 14.20 21.54 32.65
N SER A 17 13.19 22.25 33.14
CA SER A 17 12.21 21.66 34.03
C SER A 17 10.81 22.13 33.63
N LEU A 18 9.82 21.27 33.86
CA LEU A 18 8.44 21.59 33.53
C LEU A 18 7.53 20.63 34.29
N ARG A 19 6.35 21.11 34.68
CA ARG A 19 5.40 20.29 35.42
C ARG A 19 4.07 20.28 34.70
N LEU A 20 3.52 19.08 34.52
CA LEU A 20 2.24 18.89 33.85
C LEU A 20 1.16 18.62 34.88
N SER A 21 -0.03 19.16 34.61
CA SER A 21 -1.19 18.97 35.47
C SER A 21 -2.28 18.28 34.67
N CYS A 22 -3.12 17.52 35.38
CA CYS A 22 -4.26 16.82 34.78
C CYS A 22 -5.42 16.97 35.76
N ALA A 23 -6.42 17.73 35.35
CA ALA A 23 -7.64 17.91 36.12
C ALA A 23 -8.62 16.79 35.78
N ALA A 24 -9.13 16.14 36.83
CA ALA A 24 -10.06 15.03 36.69
C ALA A 24 -11.43 15.42 37.20
N SER A 25 -12.47 14.87 36.57
CA SER A 25 -13.83 15.09 37.00
C SER A 25 -14.69 13.93 36.53
N GLY A 26 -15.83 13.77 37.19
CA GLY A 26 -16.80 12.75 36.82
C GLY A 26 -16.59 11.39 37.43
N PHE A 27 -15.71 11.26 38.42
CA PHE A 27 -15.53 9.98 39.10
C PHE A 27 -14.77 10.24 40.41
N ALA A 28 -14.73 9.22 41.25
CA ALA A 28 -14.02 9.30 42.52
C ALA A 28 -12.53 9.18 42.21
N PHE A 29 -11.90 10.35 42.03
CA PHE A 29 -10.51 10.39 41.58
C PHE A 29 -9.58 9.70 42.57
N LYS A 30 -9.86 9.83 43.88
CA LYS A 30 -9.03 9.24 44.91
C LYS A 30 -9.02 7.72 44.87
N ASP A 31 -10.05 7.10 44.27
CA ASP A 31 -10.23 5.66 44.32
C ASP A 31 -9.54 4.91 43.18
N PHE A 32 -8.86 5.61 42.26
CA PHE A 32 -8.27 4.99 41.09
C PHE A 32 -6.83 5.46 40.89
N GLY A 33 -5.97 4.53 40.49
CA GLY A 33 -4.65 4.91 40.02
C GLY A 33 -4.71 5.62 38.69
N MET A 34 -3.65 6.38 38.40
CA MET A 34 -3.60 7.19 37.19
C MET A 34 -2.26 7.02 36.49
N HIS A 35 -2.27 7.21 35.18
CA HIS A 35 -1.09 7.05 34.35
C HIS A 35 -0.78 8.34 33.60
N TRP A 36 0.49 8.49 33.24
CA TRP A 36 0.94 9.37 32.18
C TRP A 36 1.49 8.48 31.07
N VAL A 37 1.01 8.70 29.84
CA VAL A 37 1.46 8.00 28.65
C VAL A 37 1.87 9.07 27.63
N ARG A 38 2.96 8.82 26.90
CA ARG A 38 3.35 9.80 25.90
C ARG A 38 3.39 9.17 24.51
N GLN A 39 3.39 10.06 23.51
CA GLN A 39 3.37 9.68 22.11
C GLN A 39 4.25 10.66 21.36
N ALA A 40 5.40 10.17 20.87
CA ALA A 40 6.30 10.98 20.07
C ALA A 40 5.66 11.29 18.72
N PRO A 41 6.16 12.32 18.01
CA PRO A 41 5.54 12.69 16.72
C PRO A 41 5.51 11.58 15.68
N GLY A 42 6.50 10.69 15.65
CA GLY A 42 6.51 9.63 14.67
C GLY A 42 6.55 8.22 15.24
N LYS A 43 6.13 8.06 16.49
CA LYS A 43 6.13 6.76 17.14
C LYS A 43 4.77 6.50 17.79
N GLY A 44 4.66 5.33 18.41
CA GLY A 44 3.43 4.87 19.00
C GLY A 44 3.29 5.28 20.45
N LEU A 45 2.30 4.69 21.10
CA LEU A 45 2.06 4.99 22.51
C LEU A 45 3.11 4.33 23.39
N GLU A 46 3.57 5.05 24.41
CA GLU A 46 4.56 4.53 25.33
C GLU A 46 4.18 4.94 26.75
N TRP A 47 4.07 3.94 27.63
CA TRP A 47 3.72 4.22 29.01
C TRP A 47 4.88 4.90 29.71
N VAL A 48 4.56 5.90 30.53
CA VAL A 48 5.56 6.73 31.20
C VAL A 48 5.54 6.53 32.71
N ALA A 49 4.37 6.70 33.34
CA ALA A 49 4.36 6.65 34.79
C ALA A 49 2.99 6.28 35.30
N VAL A 50 2.95 5.76 36.54
CA VAL A 50 1.70 5.41 37.20
C VAL A 50 1.78 5.74 38.68
N ILE A 51 0.64 6.15 39.22
CA ILE A 51 0.43 6.42 40.64
C ILE A 51 -0.74 5.57 41.12
N GLY A 52 -0.61 5.00 42.31
CA GLY A 52 -1.66 4.13 42.81
C GLY A 52 -2.82 4.88 43.44
N GLY A 53 -4.00 4.28 43.33
CA GLY A 53 -5.19 4.80 43.96
C GLY A 53 -5.29 4.41 45.42
N GLY A 54 -6.39 4.85 46.02
CA GLY A 54 -6.72 4.55 47.40
C GLY A 54 -5.77 5.15 48.43
N HIS A 55 -5.60 4.42 49.53
CA HIS A 55 -4.82 4.87 50.68
C HIS A 55 -3.41 4.27 50.60
N GLY A 56 -2.41 5.16 50.53
CA GLY A 56 -1.01 4.76 50.54
C GLY A 56 -0.24 5.02 49.25
N GLN A 57 1.09 5.12 49.40
CA GLN A 57 1.97 5.56 48.34
C GLN A 57 2.44 4.40 47.48
N HIS A 58 2.27 4.54 46.16
CA HIS A 58 2.88 3.65 45.19
C HIS A 58 3.02 4.40 43.89
N GLN A 59 4.24 4.47 43.34
CA GLN A 59 4.45 5.04 42.03
C GLN A 59 5.45 4.18 41.28
N SER A 60 5.23 4.03 39.97
CA SER A 60 6.12 3.25 39.13
C SER A 60 6.42 4.01 37.84
N TYR A 61 7.62 3.73 37.31
CA TYR A 61 8.17 4.47 36.18
C TYR A 61 8.66 3.51 35.11
N SER A 62 8.85 4.05 33.91
CA SER A 62 9.52 3.35 32.83
C SER A 62 11.02 3.54 32.92
N GLU A 63 11.78 2.63 32.30
CA GLU A 63 13.23 2.74 32.33
C GLU A 63 13.71 4.04 31.70
N SER A 64 13.07 4.44 30.59
CA SER A 64 13.44 5.67 29.91
C SER A 64 13.18 6.91 30.78
N VAL A 65 12.37 6.78 31.82
CA VAL A 65 11.95 7.93 32.61
C VAL A 65 12.36 7.86 34.07
N LYS A 66 12.72 6.68 34.60
CA LYS A 66 12.92 6.53 36.03
C LYS A 66 14.08 7.38 36.54
N GLY A 67 13.90 7.97 37.72
CA GLY A 67 14.91 8.82 38.33
C GLY A 67 14.96 10.23 37.83
N ARG A 68 14.11 10.60 36.87
CA ARG A 68 14.17 11.94 36.31
C ARG A 68 12.81 12.63 36.30
N PHE A 69 11.73 11.85 36.30
CA PHE A 69 10.37 12.35 36.44
C PHE A 69 9.78 11.87 37.75
N ALA A 70 8.78 12.59 38.22
CA ALA A 70 8.06 12.26 39.43
C ALA A 70 6.57 12.37 39.17
N ILE A 71 5.79 11.41 39.66
CA ILE A 71 4.34 11.40 39.51
C ILE A 71 3.72 11.61 40.89
N THR A 72 2.93 12.67 41.03
CA THR A 72 2.25 12.97 42.30
C THR A 72 0.77 13.22 42.03
N ARG A 73 0.01 13.37 43.11
CA ARG A 73 -1.42 13.62 42.99
C ARG A 73 -1.92 14.39 44.19
N ASP A 74 -3.08 15.02 44.02
CA ASP A 74 -3.76 15.76 45.08
C ASP A 74 -5.23 15.39 44.98
N ASN A 75 -5.68 14.52 45.90
CA ASN A 75 -7.05 14.00 45.85
C ASN A 75 -8.08 15.06 46.24
N GLU A 76 -7.74 15.98 47.14
CA GLU A 76 -8.67 17.04 47.49
C GLU A 76 -8.90 17.96 46.29
N LYS A 77 -7.86 18.22 45.51
CA LYS A 77 -7.95 19.07 44.33
C LYS A 77 -8.31 18.30 43.07
N ASN A 78 -8.45 16.97 43.16
CA ASN A 78 -8.72 16.13 41.99
C ASN A 78 -7.70 16.39 40.88
N LYS A 79 -6.42 16.36 41.25
CA LYS A 79 -5.37 16.70 40.30
C LYS A 79 -4.30 15.62 40.26
N LEU A 80 -3.73 15.43 39.07
CA LEU A 80 -2.58 14.56 38.86
C LEU A 80 -1.43 15.41 38.33
N TYR A 81 -0.21 15.15 38.81
CA TYR A 81 0.92 15.95 38.42
C TYR A 81 2.06 15.06 37.91
N LEU A 82 2.76 15.56 36.89
CA LEU A 82 3.97 14.94 36.39
C LEU A 82 5.07 15.99 36.41
N HIS A 83 5.99 15.88 37.37
CA HIS A 83 7.11 16.79 37.49
C HIS A 83 8.26 16.26 36.63
N MET A 84 8.80 17.10 35.77
CA MET A 84 9.82 16.70 34.80
C MET A 84 11.05 17.57 34.99
N ASP A 85 12.19 16.93 35.19
CA ASP A 85 13.48 17.58 35.34
C ASP A 85 14.44 16.94 34.36
N ARG A 86 15.55 17.63 34.09
CA ARG A 86 16.64 17.05 33.29
C ARG A 86 16.16 16.63 31.91
N LEU A 87 15.26 17.40 31.31
CA LEU A 87 14.54 16.92 30.13
C LEU A 87 15.46 16.78 28.92
N ARG A 88 15.13 15.80 28.07
CA ARG A 88 15.95 15.40 26.93
C ARG A 88 15.15 15.52 25.64
N THR A 89 15.89 15.49 24.52
CA THR A 89 15.27 15.60 23.20
C THR A 89 14.24 14.50 22.96
N GLU A 90 14.52 13.27 23.42
CA GLU A 90 13.59 12.18 23.23
C GLU A 90 12.28 12.38 23.99
N ASP A 91 12.26 13.26 24.99
CA ASP A 91 11.07 13.51 25.78
C ASP A 91 10.02 14.36 25.07
N THR A 92 10.38 15.00 23.96
CA THR A 92 9.44 15.75 23.14
C THR A 92 8.29 14.86 22.70
N ALA A 93 7.07 15.16 23.16
CA ALA A 93 5.96 14.27 22.87
C ALA A 93 4.63 14.90 23.31
N VAL A 94 3.55 14.26 22.89
CA VAL A 94 2.21 14.54 23.43
C VAL A 94 1.99 13.65 24.65
N TYR A 95 1.61 14.26 25.76
CA TYR A 95 1.47 13.58 27.04
C TYR A 95 -0.01 13.52 27.39
N TYR A 96 -0.53 12.30 27.49
CA TYR A 96 -1.89 12.04 27.95
C TYR A 96 -1.85 11.62 29.41
N CYS A 97 -2.74 12.18 30.22
CA CYS A 97 -3.05 11.55 31.48
C CYS A 97 -4.21 10.58 31.23
N ALA A 98 -4.23 9.51 32.01
CA ALA A 98 -5.22 8.47 31.76
C ALA A 98 -5.62 7.81 33.07
N LYS A 99 -6.84 7.30 33.09
CA LYS A 99 -7.40 6.67 34.29
C LYS A 99 -7.29 5.16 34.18
N ASP A 100 -6.87 4.53 35.28
CA ASP A 100 -6.87 3.08 35.35
C ASP A 100 -8.25 2.58 35.74
N ARG A 101 -8.58 1.36 35.29
CA ARG A 101 -9.88 0.79 35.62
C ARG A 101 -9.99 0.47 37.11
N LEU A 102 -8.87 0.17 37.76
CA LEU A 102 -8.82 0.02 39.21
C LEU A 102 -7.61 0.75 39.80
N GLY A 103 -6.58 0.01 40.18
CA GLY A 103 -5.33 0.58 40.66
C GLY A 103 -5.26 0.89 42.14
N ARG A 104 -6.27 0.53 42.91
CA ARG A 104 -6.15 0.69 44.36
C ARG A 104 -5.55 -0.56 44.98
N PRO A 105 -4.91 -0.43 46.15
CA PRO A 105 -4.23 -1.58 46.75
C PRO A 105 -5.14 -2.47 47.59
N TRP A 106 -4.63 -3.67 47.87
CA TRP A 106 -5.26 -4.61 48.78
C TRP A 106 -4.20 -5.20 49.70
N ASN A 107 -4.58 -5.42 50.96
CA ASN A 107 -3.70 -6.05 51.96
C ASN A 107 -3.87 -7.56 51.86
N ILE A 108 -2.92 -8.21 51.21
CA ILE A 108 -3.02 -9.64 50.88
C ILE A 108 -1.78 -10.35 51.41
N GLY A 109 -1.98 -11.35 52.25
CA GLY A 109 -0.88 -12.18 52.72
C GLY A 109 0.16 -11.45 53.55
N GLY A 110 -0.26 -10.45 54.33
CA GLY A 110 0.67 -9.65 55.09
C GLY A 110 1.40 -8.62 54.27
N ARG A 111 1.02 -8.45 53.01
CA ARG A 111 1.66 -7.51 52.10
C ARG A 111 0.59 -6.62 51.49
N LEU A 112 1.00 -5.46 50.99
CA LEU A 112 0.11 -4.58 50.25
C LEU A 112 0.36 -4.76 48.76
N VAL A 113 -0.71 -5.10 48.02
CA VAL A 113 -0.63 -5.40 46.59
C VAL A 113 -1.60 -4.51 45.84
N TYR A 114 -1.12 -3.90 44.76
CA TYR A 114 -1.93 -3.05 43.90
C TYR A 114 -2.28 -3.83 42.63
N TYR A 115 -3.49 -3.58 42.12
CA TYR A 115 -4.00 -4.24 40.91
C TYR A 115 -4.27 -3.18 39.85
N TYR A 116 -3.32 -2.97 38.94
CA TYR A 116 -3.51 -2.07 37.81
C TYR A 116 -4.02 -2.86 36.61
N TYR A 117 -4.97 -2.28 35.88
CA TYR A 117 -5.63 -2.97 34.78
C TYR A 117 -5.56 -2.21 33.47
N GLY A 118 -4.80 -1.13 33.40
CA GLY A 118 -4.65 -0.36 32.17
C GLY A 118 -5.59 0.83 32.12
N MET A 119 -5.38 1.66 31.09
CA MET A 119 -6.13 2.90 30.95
C MET A 119 -7.49 2.66 30.31
N ASP A 120 -8.52 3.35 30.81
CA ASP A 120 -9.84 3.26 30.23
C ASP A 120 -10.42 4.59 29.77
N VAL A 121 -9.94 5.72 30.29
CA VAL A 121 -10.31 7.04 29.80
C VAL A 121 -9.05 7.87 29.68
N TRP A 122 -8.97 8.67 28.60
CA TRP A 122 -7.80 9.48 28.30
C TRP A 122 -8.22 10.93 28.17
N GLY A 123 -7.27 11.84 28.37
CA GLY A 123 -7.48 13.23 28.03
C GLY A 123 -7.10 13.45 26.57
N GLN A 124 -7.19 14.71 26.13
CA GLN A 124 -6.82 15.02 24.76
C GLN A 124 -5.32 15.12 24.61
N GLY A 125 -4.60 15.29 25.71
CA GLY A 125 -3.12 15.35 25.66
C GLY A 125 -2.57 16.76 25.56
N THR A 126 -1.35 16.93 26.03
CA THR A 126 -0.66 18.20 26.01
C THR A 126 0.74 18.05 25.42
N THR A 127 1.19 19.01 24.62
CA THR A 127 2.44 18.85 23.87
C THR A 127 3.59 19.49 24.63
N VAL A 128 4.65 18.72 24.86
CA VAL A 128 5.89 19.20 25.47
C VAL A 128 6.99 19.12 24.41
N THR A 129 7.57 20.27 24.07
CA THR A 129 8.65 20.36 23.10
C THR A 129 9.92 20.88 23.77
N VAL A 130 10.96 20.06 23.77
CA VAL A 130 12.26 20.45 24.31
C VAL A 130 13.18 20.83 23.15
N SER A 131 13.67 22.07 23.17
CA SER A 131 14.58 22.55 22.15
C SER A 131 15.18 23.86 22.63
N SER A 132 16.35 24.19 22.08
CA SER A 132 17.01 25.46 22.33
C SER A 132 16.62 26.52 21.32
N ALA A 133 15.81 26.15 20.32
CA ALA A 133 15.47 27.06 19.23
C ALA A 133 14.46 28.11 19.69
N SER A 134 14.44 29.23 18.97
CA SER A 134 13.53 30.31 19.30
C SER A 134 12.11 29.92 18.93
N THR A 135 11.15 30.37 19.73
CA THR A 135 9.75 30.24 19.36
C THR A 135 9.37 31.38 18.43
N LYS A 136 8.81 31.05 17.27
CA LYS A 136 8.42 32.03 16.27
C LYS A 136 6.95 31.85 15.92
N GLY A 137 6.22 32.96 15.91
CA GLY A 137 4.84 32.94 15.48
C GLY A 137 4.78 32.84 13.97
N PRO A 138 3.69 32.28 13.47
CA PRO A 138 3.56 32.07 12.03
C PRO A 138 3.04 33.31 11.32
N SER A 139 3.44 33.44 10.05
CA SER A 139 2.81 34.41 9.16
C SER A 139 1.73 33.68 8.38
N VAL A 140 0.55 34.30 8.31
CA VAL A 140 -0.64 33.65 7.78
C VAL A 140 -1.04 34.39 6.50
N PHE A 141 -1.08 33.64 5.39
CA PHE A 141 -1.40 34.20 4.09
C PHE A 141 -2.61 33.49 3.50
N PRO A 142 -3.39 34.18 2.67
CA PRO A 142 -4.56 33.54 2.06
C PRO A 142 -4.17 32.72 0.85
N LEU A 143 -5.05 31.76 0.52
CA LEU A 143 -5.00 30.98 -0.71
C LEU A 143 -6.35 31.27 -1.35
N ALA A 144 -6.41 32.31 -2.18
CA ALA A 144 -7.68 32.84 -2.64
C ALA A 144 -8.33 31.91 -3.66
N PRO A 145 -9.66 31.82 -3.64
CA PRO A 145 -10.35 31.01 -4.65
C PRO A 145 -10.33 31.72 -6.00
N SER A 146 -10.03 30.95 -7.05
CA SER A 146 -9.99 31.52 -8.38
C SER A 146 -11.39 31.60 -8.97
N SER A 147 -11.66 32.68 -9.70
CA SER A 147 -12.93 32.82 -10.41
C SER A 147 -12.86 32.26 -11.81
N LYS A 148 -12.06 31.23 -12.03
CA LYS A 148 -11.89 30.62 -13.34
C LYS A 148 -12.56 29.24 -13.40
N GLY A 153 -20.28 23.23 -9.72
CA GLY A 153 -19.24 24.23 -9.51
C GLY A 153 -18.65 24.18 -8.11
N THR A 154 -17.47 23.57 -7.99
CA THR A 154 -16.77 23.46 -6.72
C THR A 154 -15.53 24.34 -6.76
N ALA A 155 -15.31 25.10 -5.69
CA ALA A 155 -14.15 25.97 -5.56
C ALA A 155 -13.37 25.60 -4.31
N ALA A 156 -12.05 25.83 -4.35
CA ALA A 156 -11.20 25.53 -3.22
C ALA A 156 -10.52 26.79 -2.74
N LEU A 157 -10.42 26.94 -1.42
CA LEU A 157 -9.75 28.12 -0.85
C LEU A 157 -9.09 27.70 0.44
N GLY A 158 -8.04 28.42 0.82
CA GLY A 158 -7.30 27.95 1.96
C GLY A 158 -6.49 29.00 2.68
N CYS A 159 -5.66 28.49 3.60
CA CYS A 159 -4.87 29.29 4.52
C CYS A 159 -3.47 28.68 4.58
N LEU A 160 -2.45 29.49 4.32
CA LEU A 160 -1.06 29.05 4.40
C LEU A 160 -0.44 29.64 5.67
N VAL A 161 -0.12 28.77 6.61
CA VAL A 161 0.52 29.14 7.87
C VAL A 161 2.00 28.81 7.75
N LYS A 162 2.88 29.82 7.82
CA LYS A 162 4.27 29.62 7.43
C LYS A 162 5.25 30.14 8.49
N ASP A 163 6.42 29.49 8.54
CA ASP A 163 7.55 29.86 9.39
C ASP A 163 7.11 30.12 10.83
N TYR A 164 6.74 29.01 11.48
CA TYR A 164 6.46 28.99 12.91
C TYR A 164 7.25 27.88 13.58
N PHE A 165 7.49 28.05 14.88
CA PHE A 165 8.20 27.08 15.68
C PHE A 165 7.78 27.24 17.14
N PRO A 166 7.48 26.14 17.83
CA PRO A 166 7.45 24.78 17.27
C PRO A 166 6.03 24.33 16.98
N GLU A 167 5.85 23.01 16.80
CA GLU A 167 4.51 22.45 16.75
C GLU A 167 3.87 22.48 18.14
N PRO A 168 2.53 22.45 18.22
CA PRO A 168 1.60 22.39 17.08
C PRO A 168 0.88 23.69 16.79
N VAL A 169 0.32 23.78 15.59
CA VAL A 169 -0.58 24.86 15.21
C VAL A 169 -1.97 24.28 14.97
N THR A 170 -2.98 24.93 15.50
CA THR A 170 -4.37 24.56 15.28
C THR A 170 -4.99 25.52 14.29
N VAL A 171 -5.77 25.00 13.35
CA VAL A 171 -6.52 25.86 12.43
C VAL A 171 -7.95 25.35 12.33
N SER A 172 -8.91 26.24 12.56
CA SER A 172 -10.33 25.96 12.34
C SER A 172 -10.87 26.96 11.33
N TRP A 173 -12.11 26.72 10.87
CA TRP A 173 -12.72 27.57 9.87
C TRP A 173 -14.08 28.05 10.35
N ASN A 174 -14.31 29.36 10.28
CA ASN A 174 -15.56 29.99 10.72
C ASN A 174 -15.88 29.61 12.17
N SER A 175 -14.85 29.61 13.01
CA SER A 175 -14.95 29.26 14.43
C SER A 175 -15.66 27.93 14.63
N GLY A 176 -15.25 26.92 13.85
CA GLY A 176 -15.77 25.59 13.99
C GLY A 176 -17.12 25.34 13.35
N ALA A 177 -17.78 26.38 12.81
CA ALA A 177 -19.07 26.19 12.17
C ALA A 177 -18.95 25.50 10.82
N LEU A 178 -17.78 25.57 10.20
CA LEU A 178 -17.51 24.96 8.90
C LEU A 178 -16.53 23.81 9.09
N THR A 179 -17.03 22.57 8.97
CA THR A 179 -16.21 21.38 9.12
C THR A 179 -16.14 20.51 7.87
N SER A 180 -17.19 20.49 7.05
CA SER A 180 -17.21 19.65 5.87
C SER A 180 -16.30 20.19 4.79
N GLY A 181 -15.58 19.29 4.13
CA GLY A 181 -14.67 19.65 3.06
C GLY A 181 -13.33 20.19 3.51
N VAL A 182 -13.11 20.32 4.82
CA VAL A 182 -11.87 20.87 5.35
C VAL A 182 -10.79 19.80 5.36
N HIS A 183 -9.60 20.15 4.89
CA HIS A 183 -8.44 19.26 4.93
C HIS A 183 -7.26 20.06 5.46
N THR A 184 -6.93 19.86 6.74
CA THR A 184 -5.73 20.45 7.32
C THR A 184 -4.59 19.45 7.20
N PHE A 185 -3.55 19.84 6.50
CA PHE A 185 -2.48 18.94 6.12
C PHE A 185 -1.43 18.85 7.23
N PRO A 186 -0.71 17.73 7.30
CA PRO A 186 0.43 17.65 8.22
C PRO A 186 1.45 18.75 7.93
N ALA A 187 2.07 19.24 9.00
CA ALA A 187 3.08 20.28 8.86
C ALA A 187 4.39 19.72 8.32
N VAL A 188 5.09 20.53 7.54
CA VAL A 188 6.39 20.17 6.97
C VAL A 188 7.45 21.09 7.57
N LEU A 189 8.57 20.50 7.95
CA LEU A 189 9.72 21.25 8.47
C LEU A 189 10.64 21.58 7.30
N GLN A 190 10.86 22.87 7.08
CA GLN A 190 11.73 23.33 6.01
C GLN A 190 13.18 23.28 6.45
N SER A 191 14.08 23.42 5.47
CA SER A 191 15.49 23.67 5.78
C SER A 191 15.62 24.87 6.70
N SER A 192 14.64 25.77 6.66
CA SER A 192 14.60 26.91 7.58
C SER A 192 14.84 26.49 9.02
N GLY A 193 14.31 25.33 9.42
CA GLY A 193 14.20 24.98 10.80
C GLY A 193 12.86 25.37 11.38
N LEU A 194 12.00 25.99 10.57
CA LEU A 194 10.66 26.39 10.95
C LEU A 194 9.64 25.61 10.14
N TYR A 195 8.46 25.46 10.71
CA TYR A 195 7.40 24.63 10.15
C TYR A 195 6.51 25.46 9.23
N SER A 196 5.77 24.73 8.39
CA SER A 196 4.77 25.33 7.51
C SER A 196 3.64 24.33 7.37
N LEU A 197 2.41 24.85 7.31
CA LEU A 197 1.21 24.03 7.23
C LEU A 197 0.20 24.71 6.32
N SER A 198 -0.73 23.92 5.82
CA SER A 198 -1.79 24.38 4.92
C SER A 198 -3.12 23.86 5.42
N SER A 199 -4.16 24.70 5.34
CA SER A 199 -5.52 24.28 5.64
C SER A 199 -6.42 24.66 4.48
N VAL A 200 -7.15 23.68 3.96
CA VAL A 200 -7.91 23.85 2.72
C VAL A 200 -9.37 23.56 3.02
N VAL A 201 -10.26 24.12 2.18
CA VAL A 201 -11.68 23.79 2.24
C VAL A 201 -12.27 23.97 0.85
N THR A 202 -13.23 23.12 0.51
CA THR A 202 -13.95 23.19 -0.75
C THR A 202 -15.39 23.63 -0.48
N VAL A 203 -15.89 24.52 -1.35
CA VAL A 203 -17.17 25.18 -1.18
C VAL A 203 -17.90 25.19 -2.50
N PRO A 204 -19.24 25.34 -2.46
CA PRO A 204 -19.96 25.63 -3.72
C PRO A 204 -19.45 26.93 -4.33
N SER A 205 -19.28 26.92 -5.65
CA SER A 205 -18.72 28.08 -6.33
C SER A 205 -19.64 29.30 -6.24
N SER A 206 -20.96 29.08 -6.22
CA SER A 206 -21.89 30.18 -5.99
C SER A 206 -21.55 30.95 -4.72
N SER A 207 -21.09 30.24 -3.69
CA SER A 207 -20.92 30.78 -2.34
C SER A 207 -19.79 31.80 -2.23
N LEU A 208 -18.94 31.96 -3.26
CA LEU A 208 -17.76 32.80 -3.11
C LEU A 208 -18.13 34.26 -2.91
N GLY A 209 -19.20 34.72 -3.54
CA GLY A 209 -19.68 36.07 -3.32
C GLY A 209 -20.61 36.20 -2.13
N THR A 210 -21.34 35.14 -1.80
CA THR A 210 -22.36 35.18 -0.75
C THR A 210 -21.83 34.85 0.64
N GLN A 211 -20.96 33.85 0.78
CA GLN A 211 -20.57 33.33 2.08
C GLN A 211 -19.17 33.77 2.46
N THR A 212 -19.00 34.22 3.69
CA THR A 212 -17.69 34.61 4.21
C THR A 212 -16.94 33.40 4.77
N TYR A 213 -15.63 33.38 4.56
CA TYR A 213 -14.75 32.28 4.97
C TYR A 213 -13.51 32.84 5.62
N ILE A 214 -13.26 32.48 6.88
CA ILE A 214 -12.08 32.93 7.62
C ILE A 214 -11.41 31.72 8.26
N CYS A 215 -10.08 31.66 8.17
CA CYS A 215 -9.31 30.66 8.92
C CYS A 215 -8.91 31.26 10.25
N ASN A 216 -9.06 30.47 11.31
CA ASN A 216 -8.70 30.84 12.67
C ASN A 216 -7.51 29.97 13.07
N VAL A 217 -6.32 30.55 13.03
CA VAL A 217 -5.09 29.84 13.33
C VAL A 217 -4.61 30.25 14.72
N ASN A 218 -4.26 29.24 15.52
CA ASN A 218 -3.69 29.39 16.85
C ASN A 218 -2.31 28.77 16.90
N HIS A 219 -1.33 29.54 17.38
CA HIS A 219 0.00 29.06 17.79
C HIS A 219 0.16 29.52 19.24
N LYS A 220 -0.01 28.59 20.16
CA LYS A 220 -0.04 28.89 21.59
C LYS A 220 1.35 28.97 22.22
N PRO A 221 2.39 28.38 21.63
CA PRO A 221 3.75 28.77 22.05
C PRO A 221 4.08 30.22 21.75
N SER A 222 3.31 30.86 20.88
CA SER A 222 3.51 32.24 20.48
C SER A 222 2.51 33.14 21.18
N ASN A 223 1.42 32.55 21.62
CA ASN A 223 0.19 33.25 21.89
C ASN A 223 -0.19 34.14 20.70
N THR A 224 -0.33 33.51 19.53
CA THR A 224 -0.84 34.18 18.32
C THR A 224 -2.15 33.53 17.87
N LYS A 225 -3.23 34.30 17.99
CA LYS A 225 -4.52 34.01 17.37
C LYS A 225 -4.64 34.91 16.15
N VAL A 226 -4.85 34.33 14.98
CA VAL A 226 -5.04 35.10 13.76
C VAL A 226 -6.31 34.64 13.07
N ASP A 227 -7.12 35.59 12.65
CA ASP A 227 -8.29 35.35 11.81
C ASP A 227 -8.02 36.03 10.48
N LYS A 228 -7.87 35.25 9.41
CA LYS A 228 -7.61 35.82 8.09
C LYS A 228 -8.71 35.36 7.15
N LYS A 229 -9.34 36.27 6.41
CA LYS A 229 -10.47 35.81 5.61
C LYS A 229 -10.03 35.82 4.16
N VAL A 230 -10.51 34.83 3.41
CA VAL A 230 -10.10 34.53 2.04
C VAL A 230 -11.15 35.07 1.07
N GLU A 231 -10.76 36.07 0.27
CA GLU A 231 -11.60 36.65 -0.76
C GLU A 231 -11.02 36.43 -2.15
N PRO A 232 -11.88 36.28 -3.17
CA PRO A 232 -11.49 36.25 -4.58
C PRO A 232 -10.81 37.56 -5.02
N ALA B 1 10.45 -6.07 29.65
CA ALA B 1 10.70 -7.50 29.81
C ALA B 1 9.82 -8.32 28.86
N ILE B 2 8.63 -7.80 28.56
CA ILE B 2 7.69 -8.48 27.67
C ILE B 2 7.63 -7.72 26.37
N ARG B 3 7.92 -8.41 25.26
CA ARG B 3 7.82 -7.85 23.93
C ARG B 3 6.48 -8.22 23.32
N MET B 4 5.72 -7.23 22.86
CA MET B 4 4.44 -7.48 22.22
C MET B 4 4.52 -7.19 20.73
N THR B 5 3.93 -8.07 19.94
CA THR B 5 3.97 -8.02 18.49
C THR B 5 2.55 -8.03 17.96
N GLN B 6 2.37 -7.44 16.77
CA GLN B 6 1.07 -7.43 16.13
C GLN B 6 1.22 -7.80 14.66
N SER B 7 0.21 -8.49 14.12
CA SER B 7 0.18 -8.90 12.72
C SER B 7 -1.24 -8.73 12.17
N PRO B 8 -1.39 -8.16 10.97
CA PRO B 8 -0.31 -7.59 10.16
C PRO B 8 0.11 -6.21 10.67
N SER B 9 1.12 -5.60 10.04
CA SER B 9 1.51 -4.25 10.41
C SER B 9 0.49 -3.23 9.93
N SER B 10 0.05 -3.38 8.69
CA SER B 10 -0.94 -2.50 8.09
C SER B 10 -1.74 -3.31 7.08
N LEU B 11 -3.03 -3.02 6.99
CA LEU B 11 -3.91 -3.77 6.09
C LEU B 11 -4.88 -2.82 5.40
N SER B 12 -5.38 -3.29 4.26
CA SER B 12 -6.44 -2.64 3.50
C SER B 12 -7.59 -3.63 3.36
N ALA B 13 -8.82 -3.17 3.65
CA ALA B 13 -9.98 -4.04 3.56
C ALA B 13 -11.13 -3.29 2.91
N SER B 14 -12.15 -4.02 2.50
CA SER B 14 -13.31 -3.43 1.86
C SER B 14 -14.39 -3.14 2.90
N VAL B 15 -15.21 -2.12 2.61
CA VAL B 15 -16.30 -1.77 3.53
C VAL B 15 -17.27 -2.94 3.60
N GLY B 16 -17.64 -3.32 4.82
CA GLY B 16 -18.53 -4.43 5.06
C GLY B 16 -17.84 -5.73 5.41
N ASP B 17 -16.54 -5.84 5.19
CA ASP B 17 -15.80 -7.04 5.54
C ASP B 17 -15.55 -7.06 7.05
N ARG B 18 -15.26 -8.24 7.58
CA ARG B 18 -14.86 -8.38 8.97
C ARG B 18 -13.35 -8.56 9.04
N VAL B 19 -12.70 -7.75 9.88
CA VAL B 19 -11.25 -7.60 9.89
C VAL B 19 -10.69 -8.22 11.15
N THR B 20 -9.73 -9.13 10.98
CA THR B 20 -9.09 -9.83 12.09
C THR B 20 -7.62 -9.42 12.18
N ILE B 21 -7.19 -9.04 13.38
CA ILE B 21 -5.81 -8.71 13.66
C ILE B 21 -5.35 -9.50 14.89
N THR B 22 -4.07 -9.85 14.91
CA THR B 22 -3.51 -10.70 15.96
C THR B 22 -2.44 -9.97 16.74
N CYS B 23 -2.37 -10.27 18.03
CA CYS B 23 -1.39 -9.77 18.99
C CYS B 23 -0.75 -10.96 19.68
N GLN B 24 0.55 -10.88 19.94
CA GLN B 24 1.28 -11.96 20.61
C GLN B 24 2.26 -11.40 21.62
N ALA B 25 2.46 -12.14 22.72
CA ALA B 25 3.31 -11.72 23.82
C ALA B 25 4.53 -12.63 23.94
N SER B 26 5.66 -12.03 24.30
CA SER B 26 6.89 -12.77 24.60
C SER B 26 6.64 -13.95 25.51
N GLN B 27 6.02 -13.70 26.65
CA GLN B 27 5.78 -14.69 27.70
C GLN B 27 4.28 -14.74 27.98
N ASP B 28 3.87 -15.72 28.76
CA ASP B 28 2.45 -15.85 29.08
C ASP B 28 2.02 -14.64 29.91
N ILE B 29 1.01 -13.93 29.42
CA ILE B 29 0.42 -12.80 30.13
C ILE B 29 -1.01 -13.12 30.53
N LYS B 30 -1.41 -14.37 30.43
CA LYS B 30 -2.71 -14.87 30.87
C LYS B 30 -3.75 -14.17 30.00
N LYS B 31 -4.76 -13.50 30.58
CA LYS B 31 -5.73 -12.76 29.78
C LYS B 31 -5.65 -11.26 30.04
N SER B 32 -4.53 -10.78 30.56
CA SER B 32 -4.34 -9.38 30.91
C SER B 32 -3.94 -8.60 29.66
N LEU B 33 -4.93 -8.36 28.80
CA LEU B 33 -4.68 -7.63 27.56
C LEU B 33 -5.83 -6.67 27.26
N ASN B 34 -5.48 -5.47 26.82
CA ASN B 34 -6.44 -4.49 26.38
C ASN B 34 -6.23 -4.19 24.90
N TRP B 35 -7.32 -3.79 24.25
CA TRP B 35 -7.33 -3.37 22.85
C TRP B 35 -7.82 -1.93 22.80
N TYR B 36 -6.97 -1.06 22.24
CA TYR B 36 -7.24 0.36 22.04
C TYR B 36 -7.33 0.67 20.55
N ARG B 37 -8.11 1.69 20.24
CA ARG B 37 -8.18 2.26 18.90
C ARG B 37 -7.78 3.73 18.95
N GLN B 38 -6.99 4.16 17.97
CA GLN B 38 -6.68 5.58 17.82
C GLN B 38 -7.01 5.98 16.39
N LYS B 39 -8.06 6.78 16.25
CA LYS B 39 -8.36 7.40 14.97
C LYS B 39 -7.33 8.49 14.69
N PRO B 40 -7.08 8.79 13.41
CA PRO B 40 -6.04 9.79 13.09
C PRO B 40 -6.32 11.13 13.76
N GLY B 41 -5.36 11.58 14.57
CA GLY B 41 -5.45 12.87 15.24
C GLY B 41 -6.25 12.92 16.53
N LYS B 42 -6.86 11.83 16.97
CA LYS B 42 -7.65 11.75 18.20
C LYS B 42 -6.83 10.98 19.22
N ALA B 43 -7.28 10.98 20.46
CA ALA B 43 -6.60 10.17 21.46
C ALA B 43 -7.06 8.71 21.40
N PRO B 44 -6.26 7.79 21.96
CA PRO B 44 -6.71 6.39 22.08
C PRO B 44 -8.00 6.33 22.87
N GLU B 45 -8.79 5.28 22.59
CA GLU B 45 -9.98 4.95 23.34
C GLU B 45 -9.96 3.44 23.50
N LEU B 46 -10.30 2.98 24.69
CA LEU B 46 -10.20 1.56 25.00
C LEU B 46 -11.46 0.86 24.53
N LEU B 47 -11.28 -0.18 23.72
CA LEU B 47 -12.37 -0.93 23.12
C LEU B 47 -12.61 -2.26 23.81
N ILE B 48 -11.54 -2.96 24.19
CA ILE B 48 -11.69 -4.26 24.82
C ILE B 48 -10.74 -4.35 26.01
N HIS B 49 -11.22 -4.93 27.11
CA HIS B 49 -10.39 -5.18 28.28
C HIS B 49 -10.52 -6.63 28.67
N ASP B 50 -9.55 -7.10 29.44
CA ASP B 50 -9.42 -8.50 29.83
C ASP B 50 -9.64 -9.43 28.63
N ALA B 51 -8.91 -9.16 27.56
CA ALA B 51 -8.83 -10.02 26.37
C ALA B 51 -10.12 -10.06 25.56
N SER B 52 -11.27 -10.25 26.21
CA SER B 52 -12.50 -10.57 25.48
C SER B 52 -13.73 -9.74 25.84
N ILE B 53 -13.64 -8.83 26.80
CA ILE B 53 -14.83 -8.14 27.30
C ILE B 53 -14.90 -6.74 26.70
N LEU B 54 -16.07 -6.40 26.14
CA LEU B 54 -16.31 -5.11 25.52
C LEU B 54 -16.49 -4.03 26.58
N GLN B 55 -15.94 -2.84 26.32
CA GLN B 55 -16.00 -1.77 27.30
C GLN B 55 -17.39 -1.11 27.33
N THR B 56 -17.75 -0.61 28.51
CA THR B 56 -19.05 0.04 28.66
C THR B 56 -19.12 1.29 27.78
N GLY B 57 -20.29 1.51 27.18
CA GLY B 57 -20.51 2.66 26.32
C GLY B 57 -19.96 2.54 24.92
N VAL B 58 -19.30 1.44 24.57
CA VAL B 58 -18.77 1.27 23.22
C VAL B 58 -19.71 0.33 22.48
N PRO B 59 -19.97 0.56 21.20
CA PRO B 59 -20.94 -0.27 20.47
C PRO B 59 -20.46 -1.70 20.27
N SER B 60 -21.42 -2.58 19.97
CA SER B 60 -21.14 -3.98 19.71
C SER B 60 -20.71 -4.17 18.26
N ALA B 61 -19.61 -3.52 17.92
CA ALA B 61 -19.03 -3.59 16.58
C ALA B 61 -17.69 -4.30 16.57
N PHE B 62 -17.18 -4.71 17.73
CA PHE B 62 -15.91 -5.41 17.84
C PHE B 62 -16.07 -6.65 18.73
N THR B 63 -15.34 -7.71 18.39
CA THR B 63 -15.19 -8.87 19.26
C THR B 63 -13.70 -9.10 19.50
N ALA B 64 -13.38 -9.80 20.59
CA ALA B 64 -11.99 -10.14 20.83
C ALA B 64 -11.92 -11.47 21.59
N SER B 65 -10.80 -12.15 21.44
CA SER B 65 -10.58 -13.43 22.12
C SER B 65 -9.08 -13.66 22.23
N GLY B 66 -8.70 -14.75 22.90
CA GLY B 66 -7.30 -15.11 23.02
C GLY B 66 -6.93 -15.37 24.49
N SER B 67 -5.74 -15.97 24.63
CA SER B 67 -5.19 -16.27 25.94
C SER B 67 -3.72 -16.63 25.78
N GLY B 68 -3.04 -16.72 26.93
CA GLY B 68 -1.65 -17.12 26.97
C GLY B 68 -0.74 -16.17 26.22
N THR B 69 -0.42 -16.52 24.98
CA THR B 69 0.44 -15.70 24.15
C THR B 69 -0.21 -15.25 22.86
N HIS B 70 -1.45 -15.67 22.58
CA HIS B 70 -2.06 -15.41 21.29
C HIS B 70 -3.42 -14.74 21.50
N PHE B 71 -3.62 -13.59 20.85
CA PHE B 71 -4.85 -12.82 21.02
C PHE B 71 -5.31 -12.29 19.67
N SER B 72 -6.63 -12.17 19.51
CA SER B 72 -7.22 -11.71 18.25
C SER B 72 -8.30 -10.68 18.53
N PHE B 73 -8.36 -9.68 17.65
CA PHE B 73 -9.30 -8.58 17.69
C PHE B 73 -10.00 -8.50 16.34
N VAL B 74 -11.32 -8.42 16.35
CA VAL B 74 -12.12 -8.50 15.14
C VAL B 74 -13.08 -7.31 15.06
N ILE B 75 -13.04 -6.61 13.94
CA ILE B 75 -14.10 -5.67 13.55
C ILE B 75 -15.16 -6.46 12.80
N ASN B 76 -16.39 -6.46 13.31
CA ASN B 76 -17.44 -7.29 12.75
C ASN B 76 -17.76 -6.90 11.31
N LYS B 77 -17.99 -5.62 11.06
CA LYS B 77 -18.21 -5.17 9.69
C LYS B 77 -17.64 -3.77 9.55
N LEU B 78 -16.64 -3.65 8.68
CA LEU B 78 -15.81 -2.46 8.63
C LEU B 78 -16.55 -1.29 7.97
N GLN B 79 -16.29 -0.09 8.47
CA GLN B 79 -16.92 1.13 8.01
C GLN B 79 -15.84 2.17 7.75
N PRO B 80 -16.15 3.20 6.94
CA PRO B 80 -15.11 4.22 6.65
C PRO B 80 -14.60 4.94 7.88
N GLU B 81 -15.41 5.02 8.95
CA GLU B 81 -14.98 5.71 10.17
C GLU B 81 -13.94 4.92 10.97
N ASP B 82 -13.70 3.66 10.63
CA ASP B 82 -12.83 2.81 11.43
C ASP B 82 -11.37 2.83 10.97
N VAL B 83 -11.01 3.75 10.07
CA VAL B 83 -9.61 3.90 9.72
C VAL B 83 -8.85 4.39 10.93
N GLY B 84 -7.63 3.89 11.13
CA GLY B 84 -6.88 4.28 12.31
C GLY B 84 -5.86 3.21 12.67
N THR B 85 -5.41 3.22 13.93
CA THR B 85 -4.42 2.27 14.37
C THR B 85 -4.90 1.56 15.63
N TYR B 86 -4.82 0.24 15.63
CA TYR B 86 -5.33 -0.60 16.70
C TYR B 86 -4.16 -1.18 17.50
N PHE B 87 -4.12 -0.88 18.78
CA PHE B 87 -3.04 -1.28 19.67
C PHE B 87 -3.53 -2.35 20.64
N CYS B 88 -2.65 -3.30 20.96
CA CYS B 88 -2.85 -4.16 22.11
C CYS B 88 -1.84 -3.75 23.17
N GLN B 89 -2.22 -3.93 24.43
CA GLN B 89 -1.34 -3.57 25.53
C GLN B 89 -1.49 -4.59 26.65
N GLU B 90 -0.36 -5.00 27.22
CA GLU B 90 -0.35 -5.97 28.30
C GLU B 90 -0.35 -5.23 29.64
N TYR B 91 -1.04 -5.80 30.62
CA TYR B 91 -0.99 -5.26 31.98
C TYR B 91 -0.77 -6.37 33.00
N GLU B 92 0.01 -7.38 32.62
CA GLU B 92 0.52 -8.37 33.57
C GLU B 92 1.78 -7.87 34.25
N ASN B 93 2.32 -6.77 33.76
CA ASN B 93 3.56 -6.12 34.18
C ASN B 93 3.22 -4.78 34.84
N LEU B 94 4.24 -4.16 35.43
CA LEU B 94 4.17 -2.75 35.77
C LEU B 94 4.79 -1.88 34.67
N GLN B 95 5.11 -2.48 33.52
CA GLN B 95 5.60 -1.73 32.39
C GLN B 95 4.50 -1.33 31.41
N PHE B 96 3.38 -2.05 31.40
CA PHE B 96 2.22 -1.74 30.55
C PHE B 96 2.64 -1.53 29.10
N THR B 97 3.44 -2.45 28.57
CA THR B 97 4.06 -2.20 27.28
C THR B 97 3.02 -2.38 26.17
N PHE B 98 2.94 -1.40 25.27
CA PHE B 98 2.00 -1.39 24.17
C PHE B 98 2.56 -2.18 22.98
N GLY B 99 1.66 -2.69 22.16
CA GLY B 99 2.09 -3.23 20.88
C GLY B 99 2.35 -2.13 19.88
N PRO B 100 3.01 -2.48 18.78
CA PRO B 100 3.41 -1.45 17.80
C PRO B 100 2.25 -0.85 17.03
N GLY B 101 1.06 -1.41 17.11
CA GLY B 101 -0.09 -0.86 16.39
C GLY B 101 -0.30 -1.54 15.05
N THR B 102 -1.57 -1.59 14.65
CA THR B 102 -1.97 -2.15 13.37
C THR B 102 -2.78 -1.09 12.61
N LYS B 103 -2.28 -0.67 11.46
CA LYS B 103 -2.93 0.39 10.70
C LYS B 103 -4.01 -0.19 9.80
N VAL B 104 -5.22 0.33 9.93
CA VAL B 104 -6.37 -0.15 9.19
C VAL B 104 -6.84 0.98 8.30
N GLU B 105 -6.61 0.83 7.00
CA GLU B 105 -7.18 1.62 5.93
C GLU B 105 -8.18 0.76 5.18
N ILE B 106 -9.00 1.38 4.34
CA ILE B 106 -10.04 0.65 3.63
C ILE B 106 -9.88 0.90 2.13
N LYS B 107 -10.16 -0.14 1.34
CA LYS B 107 -9.99 -0.10 -0.12
C LYS B 107 -11.29 0.34 -0.79
N ARG B 108 -11.18 1.28 -1.72
CA ARG B 108 -12.33 1.85 -2.42
C ARG B 108 -12.01 1.93 -3.91
N THR B 109 -12.96 2.41 -4.69
CA THR B 109 -12.73 2.54 -6.13
C THR B 109 -11.77 3.68 -6.41
N VAL B 110 -11.07 3.56 -7.54
CA VAL B 110 -10.13 4.61 -7.95
C VAL B 110 -10.85 5.94 -8.11
N ALA B 111 -10.21 7.01 -7.61
CA ALA B 111 -10.70 8.37 -7.75
C ALA B 111 -9.54 9.27 -8.13
N ALA B 112 -9.69 10.03 -9.21
CA ALA B 112 -8.67 10.94 -9.68
C ALA B 112 -8.72 12.25 -8.87
N PRO B 113 -7.57 12.87 -8.64
CA PRO B 113 -7.55 14.08 -7.80
C PRO B 113 -8.06 15.30 -8.53
N SER B 114 -8.65 16.21 -7.76
CA SER B 114 -9.03 17.53 -8.26
C SER B 114 -7.90 18.50 -7.97
N VAL B 115 -7.33 19.08 -9.01
CA VAL B 115 -6.12 19.89 -8.90
C VAL B 115 -6.50 21.37 -8.82
N PHE B 116 -5.90 22.07 -7.87
CA PHE B 116 -6.02 23.51 -7.72
C PHE B 116 -4.64 24.12 -7.58
N ILE B 117 -4.49 25.35 -8.04
CA ILE B 117 -3.23 26.09 -7.93
C ILE B 117 -3.52 27.46 -7.35
N PHE B 118 -2.66 27.89 -6.44
CA PHE B 118 -2.82 29.14 -5.73
C PHE B 118 -1.53 29.95 -5.85
N PRO B 119 -1.62 31.20 -6.30
CA PRO B 119 -0.41 32.02 -6.48
C PRO B 119 0.01 32.63 -5.15
N PRO B 120 1.25 33.10 -5.05
CA PRO B 120 1.67 33.74 -3.80
C PRO B 120 0.90 35.02 -3.55
N SER B 121 0.50 35.21 -2.29
CA SER B 121 -0.30 36.37 -1.93
C SER B 121 0.53 37.66 -2.01
N ASP B 122 -0.17 38.78 -2.18
CA ASP B 122 0.49 40.08 -2.17
C ASP B 122 1.13 40.35 -0.81
N GLU B 123 0.54 39.82 0.26
CA GLU B 123 1.07 40.08 1.59
C GLU B 123 2.44 39.44 1.74
N GLN B 124 2.64 38.24 1.18
CA GLN B 124 3.89 37.52 1.37
C GLN B 124 5.00 38.05 0.48
N LEU B 125 4.65 38.69 -0.64
CA LEU B 125 5.65 39.32 -1.49
C LEU B 125 6.25 40.55 -0.82
N LYS B 126 5.56 41.09 0.20
CA LYS B 126 6.16 42.07 1.09
C LYS B 126 7.39 41.47 1.75
N SER B 127 7.28 40.24 2.24
CA SER B 127 8.38 39.58 2.95
C SER B 127 9.55 39.24 2.03
N GLY B 128 9.36 39.26 0.71
CA GLY B 128 10.42 38.92 -0.21
C GLY B 128 10.44 37.48 -0.62
N THR B 129 9.47 36.69 -0.20
CA THR B 129 9.37 35.28 -0.54
C THR B 129 8.03 35.03 -1.22
N ALA B 130 7.99 33.96 -2.03
CA ALA B 130 6.81 33.59 -2.79
C ALA B 130 6.56 32.10 -2.63
N SER B 131 5.34 31.76 -2.20
CA SER B 131 4.91 30.38 -1.99
C SER B 131 3.75 30.09 -2.94
N VAL B 132 3.99 29.24 -3.93
CA VAL B 132 2.94 28.76 -4.82
C VAL B 132 2.45 27.42 -4.26
N VAL B 133 1.14 27.23 -4.21
CA VAL B 133 0.58 26.05 -3.56
C VAL B 133 -0.24 25.26 -4.58
N CYS B 134 0.03 23.96 -4.68
CA CYS B 134 -0.74 23.05 -5.50
C CYS B 134 -1.48 22.08 -4.60
N LEU B 135 -2.77 21.89 -4.87
CA LEU B 135 -3.63 21.04 -4.05
C LEU B 135 -4.20 19.92 -4.91
N LEU B 136 -4.04 18.69 -4.45
CA LEU B 136 -4.64 17.50 -5.06
C LEU B 136 -5.69 17.01 -4.08
N ASN B 137 -6.96 17.12 -4.47
CA ASN B 137 -8.07 16.94 -3.55
C ASN B 137 -8.81 15.63 -3.82
N ASN B 138 -8.99 14.85 -2.76
CA ASN B 138 -9.86 13.67 -2.71
C ASN B 138 -9.58 12.72 -3.88
N PHE B 139 -8.45 12.03 -3.76
CA PHE B 139 -8.08 10.98 -4.71
C PHE B 139 -7.92 9.65 -3.99
N TYR B 140 -7.90 8.58 -4.79
CA TYR B 140 -7.56 7.24 -4.31
C TYR B 140 -7.06 6.47 -5.52
N PRO B 141 -5.99 5.66 -5.39
CA PRO B 141 -5.22 5.34 -4.19
C PRO B 141 -4.30 6.46 -3.74
N ARG B 142 -3.49 6.19 -2.72
CA ARG B 142 -2.72 7.25 -2.07
C ARG B 142 -1.60 7.76 -2.97
N GLU B 143 -1.11 6.92 -3.88
CA GLU B 143 0.04 7.30 -4.69
C GLU B 143 -0.33 8.33 -5.74
N ALA B 144 0.45 9.42 -5.80
CA ALA B 144 0.26 10.48 -6.77
C ALA B 144 1.56 11.26 -6.81
N LYS B 145 1.84 11.86 -7.97
CA LYS B 145 3.07 12.61 -8.13
C LYS B 145 2.77 14.02 -8.62
N VAL B 146 3.43 15.00 -8.01
CA VAL B 146 3.33 16.40 -8.39
C VAL B 146 4.70 16.84 -8.90
N GLN B 147 4.71 17.61 -9.98
CA GLN B 147 5.94 18.17 -10.51
C GLN B 147 5.71 19.64 -10.84
N TRP B 148 6.54 20.50 -10.27
CA TRP B 148 6.46 21.94 -10.51
C TRP B 148 7.29 22.33 -11.73
N LYS B 149 6.69 23.15 -12.60
CA LYS B 149 7.44 23.75 -13.71
C LYS B 149 7.26 25.25 -13.69
N VAL B 150 8.36 25.93 -14.00
CA VAL B 150 8.41 27.38 -14.13
C VAL B 150 8.97 27.70 -15.50
N ASP B 151 8.20 28.43 -16.30
CA ASP B 151 8.48 28.61 -17.72
C ASP B 151 8.81 27.27 -18.37
N ASN B 152 8.03 26.25 -18.02
CA ASN B 152 8.19 24.89 -18.53
C ASN B 152 9.56 24.31 -18.18
N ALA B 153 10.10 24.67 -17.02
CA ALA B 153 11.36 24.15 -16.53
C ALA B 153 11.10 23.42 -15.22
N LEU B 154 11.47 22.15 -15.16
CA LEU B 154 11.22 21.33 -13.98
C LEU B 154 12.04 21.82 -12.79
N GLN B 155 11.42 21.78 -11.62
CA GLN B 155 12.03 22.22 -10.38
C GLN B 155 12.36 21.04 -9.48
N SER B 156 13.40 21.22 -8.66
CA SER B 156 13.87 20.15 -7.77
C SER B 156 14.53 20.76 -6.55
N GLY B 157 14.14 20.29 -5.37
CA GLY B 157 14.74 20.72 -4.12
C GLY B 157 14.17 21.96 -3.51
N ASN B 158 13.18 22.60 -4.13
CA ASN B 158 12.60 23.83 -3.59
C ASN B 158 11.10 23.69 -3.32
N SER B 159 10.61 22.46 -3.20
CA SER B 159 9.20 22.22 -2.90
C SER B 159 9.10 21.13 -1.85
N GLN B 160 7.99 21.12 -1.12
CA GLN B 160 7.73 20.12 -0.10
C GLN B 160 6.28 19.68 -0.15
N GLU B 161 6.05 18.40 0.14
CA GLU B 161 4.75 17.77 0.05
C GLU B 161 4.22 17.41 1.43
N SER B 162 2.90 17.22 1.50
CA SER B 162 2.25 16.72 2.70
C SER B 162 0.94 16.04 2.30
N VAL B 163 0.65 14.89 2.90
CA VAL B 163 -0.55 14.11 2.60
C VAL B 163 -1.37 13.95 3.87
N THR B 164 -2.67 14.16 3.76
CA THR B 164 -3.54 13.91 4.89
C THR B 164 -3.76 12.40 5.05
N GLU B 165 -4.33 12.03 6.19
CA GLU B 165 -4.69 10.64 6.40
C GLU B 165 -6.01 10.34 5.68
N GLN B 166 -6.32 9.04 5.57
CA GLN B 166 -7.52 8.64 4.86
C GLN B 166 -8.75 9.27 5.49
N ASP B 167 -9.59 9.87 4.66
CA ASP B 167 -10.75 10.58 5.16
C ASP B 167 -11.74 9.63 5.80
N SER B 168 -12.39 10.11 6.88
CA SER B 168 -13.27 9.25 7.66
C SER B 168 -14.59 8.96 6.97
N LYS B 169 -15.00 9.77 6.00
CA LYS B 169 -16.29 9.58 5.33
C LYS B 169 -16.17 8.94 3.96
N ASP B 170 -15.32 9.48 3.07
CA ASP B 170 -15.23 9.02 1.69
C ASP B 170 -13.91 8.33 1.37
N SER B 171 -13.06 8.14 2.39
CA SER B 171 -11.88 7.27 2.30
C SER B 171 -10.84 7.74 1.28
N THR B 172 -10.84 9.02 0.92
CA THR B 172 -9.88 9.53 -0.03
C THR B 172 -8.71 10.19 0.69
N TYR B 173 -7.68 10.53 -0.09
CA TYR B 173 -6.51 11.24 0.38
C TYR B 173 -6.43 12.60 -0.26
N SER B 174 -5.72 13.51 0.38
CA SER B 174 -5.46 14.83 -0.17
C SER B 174 -3.99 15.17 0.04
N LEU B 175 -3.44 15.90 -0.92
CA LEU B 175 -2.02 16.25 -0.92
C LEU B 175 -1.86 17.74 -1.18
N SER B 176 -0.93 18.35 -0.47
CA SER B 176 -0.60 19.76 -0.64
C SER B 176 0.89 19.87 -0.92
N SER B 177 1.24 20.58 -1.98
CA SER B 177 2.62 20.83 -2.35
C SER B 177 2.89 22.33 -2.29
N THR B 178 3.99 22.72 -1.67
CA THR B 178 4.38 24.12 -1.53
C THR B 178 5.70 24.32 -2.23
N LEU B 179 5.73 25.23 -3.21
CA LEU B 179 6.93 25.61 -3.94
C LEU B 179 7.32 27.00 -3.47
N THR B 180 8.47 27.11 -2.81
CA THR B 180 8.94 28.37 -2.26
C THR B 180 10.15 28.86 -3.04
N LEU B 181 10.10 30.13 -3.46
CA LEU B 181 11.23 30.82 -4.08
C LEU B 181 11.30 32.22 -3.49
N SER B 182 12.38 32.93 -3.81
CA SER B 182 12.44 34.33 -3.42
C SER B 182 11.62 35.17 -4.39
N LYS B 183 11.12 36.30 -3.90
CA LYS B 183 10.39 37.21 -4.77
C LYS B 183 11.22 37.64 -5.97
N ALA B 184 12.52 37.83 -5.77
CA ALA B 184 13.38 38.37 -6.81
C ALA B 184 13.42 37.45 -8.03
N ASP B 185 13.72 36.17 -7.83
CA ASP B 185 13.67 35.25 -8.97
C ASP B 185 12.26 34.79 -9.27
N TYR B 186 11.30 35.00 -8.35
CA TYR B 186 9.90 34.74 -8.67
C TYR B 186 9.41 35.68 -9.75
N GLU B 187 9.76 36.97 -9.64
CA GLU B 187 9.42 37.95 -10.66
C GLU B 187 10.27 37.82 -11.92
N LYS B 188 11.26 36.93 -11.91
CA LYS B 188 12.09 36.70 -13.08
C LYS B 188 11.39 35.86 -14.14
N HIS B 189 10.39 35.07 -13.76
CA HIS B 189 9.72 34.14 -14.66
C HIS B 189 8.23 34.48 -14.76
N LYS B 190 7.56 33.86 -15.72
CA LYS B 190 6.19 34.25 -16.06
C LYS B 190 5.14 33.19 -15.72
N VAL B 191 5.27 31.96 -16.20
CA VAL B 191 4.22 30.95 -16.08
C VAL B 191 4.62 29.94 -15.01
N TYR B 192 3.71 29.66 -14.08
CA TYR B 192 3.93 28.70 -13.01
C TYR B 192 2.87 27.62 -13.09
N ALA B 193 3.30 26.36 -13.07
CA ALA B 193 2.38 25.26 -13.30
C ALA B 193 2.73 24.08 -12.40
N CYS B 194 1.71 23.37 -11.93
CA CYS B 194 1.91 22.09 -11.27
C CYS B 194 1.24 21.01 -12.11
N GLU B 195 2.00 19.95 -12.38
CA GLU B 195 1.58 18.83 -13.21
C GLU B 195 1.42 17.59 -12.35
N VAL B 196 0.26 16.96 -12.42
CA VAL B 196 -0.15 15.90 -11.53
C VAL B 196 -0.31 14.62 -12.33
N THR B 197 0.32 13.55 -11.86
CA THR B 197 0.12 12.21 -12.39
C THR B 197 -0.53 11.35 -11.31
N HIS B 198 -1.57 10.63 -11.69
CA HIS B 198 -2.28 9.76 -10.77
C HIS B 198 -2.76 8.55 -11.55
N GLN B 199 -3.04 7.48 -10.81
CA GLN B 199 -3.48 6.22 -11.40
C GLN B 199 -4.79 6.40 -12.16
N GLY B 200 -5.59 7.39 -11.80
CA GLY B 200 -6.86 7.66 -12.42
C GLY B 200 -6.82 8.64 -13.57
N LEU B 201 -5.65 9.07 -14.01
CA LEU B 201 -5.51 9.99 -15.15
C LEU B 201 -4.77 9.31 -16.30
N SER B 202 -5.37 9.36 -17.49
CA SER B 202 -4.71 8.86 -18.68
C SER B 202 -3.47 9.69 -19.00
N SER B 203 -3.55 11.00 -18.80
CA SER B 203 -2.47 11.94 -19.03
C SER B 203 -2.33 12.89 -17.84
N PRO B 204 -1.13 13.44 -17.64
CA PRO B 204 -0.94 14.40 -16.54
C PRO B 204 -1.86 15.62 -16.64
N VAL B 205 -2.37 16.05 -15.49
CA VAL B 205 -3.22 17.24 -15.40
C VAL B 205 -2.34 18.40 -14.99
N THR B 206 -2.31 19.45 -15.81
CA THR B 206 -1.49 20.62 -15.54
C THR B 206 -2.40 21.79 -15.18
N LYS B 207 -2.20 22.36 -14.00
CA LYS B 207 -2.91 23.59 -13.65
C LYS B 207 -1.87 24.69 -13.45
N SER B 208 -2.13 25.87 -14.03
CA SER B 208 -1.08 26.87 -14.17
C SER B 208 -1.68 28.28 -14.09
N PHE B 209 -0.78 29.26 -13.92
CA PHE B 209 -1.17 30.66 -13.95
C PHE B 209 0.00 31.52 -14.41
N ASN B 210 -0.31 32.79 -14.66
CA ASN B 210 0.64 33.83 -14.99
C ASN B 210 0.64 34.88 -13.87
N ARG B 211 1.75 35.61 -13.74
CA ARG B 211 1.87 36.60 -12.68
C ARG B 211 0.88 37.75 -12.83
N GLY B 212 0.26 37.91 -13.99
CA GLY B 212 -0.72 38.96 -14.19
C GLY B 212 -2.12 38.43 -14.43
N GLN C 1 4.47 -36.42 -14.33
CA GLN C 1 3.94 -35.13 -13.89
C GLN C 1 2.90 -34.59 -14.86
N VAL C 2 2.02 -33.74 -14.34
CA VAL C 2 0.92 -33.17 -15.11
C VAL C 2 1.36 -31.86 -15.76
N GLN C 3 1.23 -31.77 -17.08
CA GLN C 3 1.66 -30.59 -17.83
C GLN C 3 0.53 -30.14 -18.75
N LEU C 4 0.22 -28.85 -18.71
CA LEU C 4 -0.77 -28.21 -19.56
C LEU C 4 -0.10 -27.03 -20.25
N VAL C 5 -0.10 -27.03 -21.57
CA VAL C 5 0.55 -25.97 -22.35
C VAL C 5 -0.50 -25.30 -23.22
N GLU C 6 -0.66 -23.99 -23.05
CA GLU C 6 -1.64 -23.25 -23.81
C GLU C 6 -1.01 -22.63 -25.07
N SER C 7 -1.87 -22.34 -26.05
CA SER C 7 -1.42 -21.76 -27.31
C SER C 7 -2.63 -21.16 -28.03
N GLY C 8 -2.34 -20.36 -29.04
CA GLY C 8 -3.35 -19.73 -29.87
C GLY C 8 -3.64 -18.29 -29.53
N GLY C 9 -3.05 -17.75 -28.47
CA GLY C 9 -3.28 -16.37 -28.13
C GLY C 9 -2.64 -15.43 -29.12
N GLY C 10 -3.11 -14.19 -29.09
CA GLY C 10 -2.63 -13.17 -30.00
C GLY C 10 -3.67 -12.07 -30.13
N VAL C 11 -3.59 -11.36 -31.26
CA VAL C 11 -4.48 -10.23 -31.53
C VAL C 11 -5.72 -10.73 -32.24
N VAL C 12 -6.85 -10.10 -31.93
CA VAL C 12 -8.11 -10.41 -32.60
C VAL C 12 -8.93 -9.12 -32.68
N GLN C 13 -9.51 -8.87 -33.84
CA GLN C 13 -10.37 -7.70 -34.02
C GLN C 13 -11.55 -7.76 -33.06
N PRO C 14 -12.01 -6.62 -32.54
CA PRO C 14 -13.28 -6.61 -31.81
C PRO C 14 -14.40 -7.19 -32.67
N GLY C 15 -15.24 -7.99 -32.04
CA GLY C 15 -16.26 -8.72 -32.77
C GLY C 15 -15.74 -9.86 -33.62
N GLY C 16 -14.45 -10.13 -33.60
CA GLY C 16 -13.85 -11.19 -34.38
C GLY C 16 -13.97 -12.53 -33.68
N SER C 17 -13.19 -13.49 -34.19
CA SER C 17 -13.23 -14.86 -33.66
C SER C 17 -11.81 -15.40 -33.52
N LEU C 18 -11.64 -16.30 -32.54
CA LEU C 18 -10.33 -16.87 -32.27
C LEU C 18 -10.50 -18.14 -31.45
N ARG C 19 -9.59 -19.10 -31.65
CA ARG C 19 -9.69 -20.38 -30.95
C ARG C 19 -8.39 -20.65 -30.20
N LEU C 20 -8.52 -21.07 -28.93
CA LEU C 20 -7.40 -21.37 -28.07
C LEU C 20 -7.25 -22.88 -27.91
N SER C 21 -6.00 -23.34 -27.82
CA SER C 21 -5.69 -24.74 -27.62
C SER C 21 -4.93 -24.94 -26.31
N CYS C 22 -5.11 -26.12 -25.72
CA CYS C 22 -4.45 -26.51 -24.49
C CYS C 22 -4.02 -27.97 -24.64
N ALA C 23 -2.72 -28.20 -24.73
CA ALA C 23 -2.15 -29.54 -24.82
C ALA C 23 -1.97 -30.10 -23.42
N ALA C 24 -2.46 -31.31 -23.20
CA ALA C 24 -2.38 -31.99 -21.92
C ALA C 24 -1.42 -33.17 -22.04
N SER C 25 -0.67 -33.42 -20.97
CA SER C 25 0.22 -34.57 -20.94
C SER C 25 0.49 -34.94 -19.49
N GLY C 26 0.89 -36.18 -19.27
CA GLY C 26 1.26 -36.64 -17.95
C GLY C 26 0.12 -37.15 -17.10
N PHE C 27 -1.05 -37.38 -17.69
CA PHE C 27 -2.18 -37.96 -16.98
C PHE C 27 -3.20 -38.44 -18.00
N ALA C 28 -4.15 -39.23 -17.52
CA ALA C 28 -5.23 -39.76 -18.37
C ALA C 28 -6.22 -38.63 -18.61
N PHE C 29 -6.03 -37.93 -19.74
CA PHE C 29 -6.79 -36.72 -20.03
C PHE C 29 -8.28 -37.02 -20.14
N LYS C 30 -8.65 -38.21 -20.65
CA LYS C 30 -10.06 -38.55 -20.79
C LYS C 30 -10.78 -38.63 -19.45
N ASP C 31 -10.05 -38.85 -18.35
CA ASP C 31 -10.67 -39.15 -17.06
C ASP C 31 -11.03 -37.91 -16.25
N PHE C 32 -10.76 -36.71 -16.76
CA PHE C 32 -10.96 -35.51 -15.97
C PHE C 32 -11.68 -34.45 -16.79
N GLY C 33 -12.60 -33.74 -16.14
CA GLY C 33 -13.14 -32.54 -16.72
C GLY C 33 -12.10 -31.44 -16.75
N MET C 34 -12.31 -30.45 -17.63
CA MET C 34 -11.35 -29.39 -17.79
C MET C 34 -12.05 -28.03 -17.80
N HIS C 35 -11.33 -27.02 -17.32
CA HIS C 35 -11.83 -25.66 -17.26
C HIS C 35 -10.96 -24.71 -18.07
N TRP C 36 -11.58 -23.63 -18.51
CA TRP C 36 -10.89 -22.43 -18.92
C TRP C 36 -11.19 -21.35 -17.90
N VAL C 37 -10.15 -20.71 -17.38
CA VAL C 37 -10.26 -19.59 -16.46
C VAL C 37 -9.46 -18.45 -17.07
N ARG C 38 -9.98 -17.23 -16.95
CA ARG C 38 -9.26 -16.10 -17.49
C ARG C 38 -8.91 -15.11 -16.39
N GLN C 39 -7.95 -14.24 -16.71
CA GLN C 39 -7.41 -13.26 -15.78
C GLN C 39 -7.15 -11.99 -16.57
N ALA C 40 -7.95 -10.96 -16.34
CA ALA C 40 -7.72 -9.69 -16.99
C ALA C 40 -6.44 -9.06 -16.43
N PRO C 41 -5.83 -8.13 -17.16
CA PRO C 41 -4.60 -7.51 -16.68
C PRO C 41 -4.81 -6.80 -15.35
N GLY C 42 -3.94 -7.10 -14.39
CA GLY C 42 -3.99 -6.46 -13.09
C GLY C 42 -5.27 -6.73 -12.30
N LYS C 43 -5.98 -7.81 -12.62
CA LYS C 43 -7.22 -8.18 -11.94
C LYS C 43 -7.14 -9.64 -11.51
N GLY C 44 -8.19 -10.12 -10.85
CA GLY C 44 -8.18 -11.45 -10.28
C GLY C 44 -8.66 -12.52 -11.24
N LEU C 45 -8.78 -13.73 -10.70
CA LEU C 45 -9.21 -14.88 -11.49
C LEU C 45 -10.71 -14.88 -11.70
N GLU C 46 -11.12 -15.27 -12.90
CA GLU C 46 -12.54 -15.38 -13.21
C GLU C 46 -12.75 -16.62 -14.07
N TRP C 47 -13.63 -17.51 -13.61
CA TRP C 47 -13.91 -18.76 -14.30
C TRP C 47 -14.66 -18.49 -15.60
N VAL C 48 -14.32 -19.25 -16.64
CA VAL C 48 -14.84 -19.02 -18.00
C VAL C 48 -15.72 -20.18 -18.46
N ALA C 49 -15.20 -21.40 -18.43
CA ALA C 49 -15.96 -22.52 -18.97
C ALA C 49 -15.47 -23.83 -18.39
N VAL C 50 -16.31 -24.86 -18.48
CA VAL C 50 -15.96 -26.21 -18.07
C VAL C 50 -16.56 -27.22 -19.04
N ILE C 51 -15.81 -28.29 -19.30
CA ILE C 51 -16.24 -29.42 -20.11
C ILE C 51 -16.03 -30.71 -19.31
N GLY C 52 -16.96 -31.65 -19.45
CA GLY C 52 -16.92 -32.87 -18.68
C GLY C 52 -15.94 -33.90 -19.24
N GLY C 53 -15.53 -34.82 -18.37
CA GLY C 53 -14.61 -35.88 -18.76
C GLY C 53 -15.30 -36.87 -19.67
N GLY C 54 -14.56 -37.91 -20.04
CA GLY C 54 -15.12 -38.82 -21.02
C GLY C 54 -15.19 -38.10 -22.36
N HIS C 55 -16.31 -38.24 -23.04
CA HIS C 55 -16.45 -37.62 -24.35
C HIS C 55 -16.97 -36.20 -24.28
N GLY C 56 -17.23 -35.67 -23.09
CA GLY C 56 -17.47 -34.25 -22.95
C GLY C 56 -18.92 -33.84 -23.01
N GLN C 57 -19.84 -34.70 -22.59
CA GLN C 57 -21.26 -34.47 -22.83
C GLN C 57 -21.91 -33.59 -21.76
N HIS C 58 -21.14 -32.69 -21.17
CA HIS C 58 -21.66 -31.61 -20.36
C HIS C 58 -20.65 -30.47 -20.36
N GLN C 59 -21.12 -29.27 -20.69
CA GLN C 59 -20.28 -28.08 -20.60
C GLN C 59 -21.11 -26.96 -19.99
N SER C 60 -20.45 -26.13 -19.19
CA SER C 60 -21.10 -25.01 -18.54
C SER C 60 -20.26 -23.75 -18.71
N TYR C 61 -20.91 -22.61 -18.72
CA TYR C 61 -20.26 -21.34 -19.04
C TYR C 61 -20.59 -20.30 -17.98
N SER C 62 -19.77 -19.24 -17.97
CA SER C 62 -20.06 -18.09 -17.13
C SER C 62 -21.04 -17.17 -17.83
N GLU C 63 -21.71 -16.33 -17.04
CA GLU C 63 -22.71 -15.44 -17.61
C GLU C 63 -22.09 -14.50 -18.64
N SER C 64 -20.89 -14.01 -18.38
CA SER C 64 -20.24 -13.07 -19.29
C SER C 64 -19.89 -13.69 -20.64
N VAL C 65 -19.80 -15.01 -20.74
CA VAL C 65 -19.34 -15.67 -21.97
C VAL C 65 -20.40 -16.58 -22.58
N LYS C 66 -21.48 -16.89 -21.88
CA LYS C 66 -22.43 -17.88 -22.37
C LYS C 66 -23.03 -17.42 -23.68
N GLY C 67 -23.16 -18.35 -24.63
CA GLY C 67 -23.65 -18.03 -25.95
C GLY C 67 -22.63 -17.45 -26.91
N ARG C 68 -21.39 -17.21 -26.45
CA ARG C 68 -20.38 -16.62 -27.31
C ARG C 68 -19.11 -17.46 -27.33
N PHE C 69 -18.89 -18.25 -26.28
CA PHE C 69 -17.77 -19.16 -26.22
C PHE C 69 -18.26 -20.60 -26.23
N ALA C 70 -17.40 -21.49 -26.72
CA ALA C 70 -17.67 -22.92 -26.74
C ALA C 70 -16.42 -23.66 -26.31
N ILE C 71 -16.60 -24.67 -25.46
CA ILE C 71 -15.49 -25.48 -24.95
C ILE C 71 -15.61 -26.88 -25.53
N THR C 72 -14.56 -27.33 -26.22
CA THR C 72 -14.54 -28.66 -26.80
C THR C 72 -13.27 -29.38 -26.38
N ARG C 73 -13.18 -30.65 -26.74
CA ARG C 73 -12.00 -31.45 -26.41
C ARG C 73 -11.85 -32.57 -27.43
N ASP C 74 -10.61 -33.05 -27.53
CA ASP C 74 -10.24 -34.14 -28.42
C ASP C 74 -9.37 -35.09 -27.62
N ASN C 75 -9.96 -36.20 -27.16
CA ASN C 75 -9.23 -37.15 -26.32
C ASN C 75 -8.19 -37.91 -27.14
N GLU C 76 -8.45 -38.12 -28.43
CA GLU C 76 -7.46 -38.76 -29.28
C GLU C 76 -6.23 -37.89 -29.42
N LYS C 77 -6.43 -36.58 -29.53
CA LYS C 77 -5.34 -35.61 -29.64
C LYS C 77 -4.88 -35.09 -28.28
N ASN C 78 -5.56 -35.47 -27.20
CA ASN C 78 -5.25 -34.98 -25.85
C ASN C 78 -5.20 -33.46 -25.83
N LYS C 79 -6.25 -32.84 -26.39
CA LYS C 79 -6.30 -31.39 -26.52
C LYS C 79 -7.62 -30.84 -25.99
N LEU C 80 -7.55 -29.63 -25.45
CA LEU C 80 -8.72 -28.88 -25.01
C LEU C 80 -8.81 -27.61 -25.83
N TYR C 81 -10.02 -27.22 -26.24
CA TYR C 81 -10.19 -26.08 -27.12
C TYR C 81 -11.23 -25.12 -26.55
N LEU C 82 -10.99 -23.82 -26.79
CA LEU C 82 -11.94 -22.77 -26.48
C LEU C 82 -12.16 -21.90 -27.72
N HIS C 83 -13.32 -22.03 -28.35
CA HIS C 83 -13.69 -21.18 -29.47
C HIS C 83 -14.40 -19.94 -28.93
N MET C 84 -13.92 -18.76 -29.34
CA MET C 84 -14.41 -17.48 -28.86
C MET C 84 -14.89 -16.70 -30.08
N ASP C 85 -16.14 -16.23 -30.01
CA ASP C 85 -16.73 -15.47 -31.10
C ASP C 85 -17.26 -14.14 -30.56
N ARG C 86 -17.45 -13.18 -31.47
CA ARG C 86 -18.11 -11.91 -31.13
C ARG C 86 -17.31 -11.17 -30.05
N LEU C 87 -15.99 -11.19 -30.18
CA LEU C 87 -15.11 -10.82 -29.08
C LEU C 87 -15.23 -9.35 -28.71
N ARG C 88 -15.03 -9.07 -27.43
CA ARG C 88 -15.22 -7.77 -26.83
C ARG C 88 -13.92 -7.31 -26.19
N THR C 89 -13.83 -6.02 -25.89
CA THR C 89 -12.65 -5.51 -25.19
C THR C 89 -12.47 -6.20 -23.84
N GLU C 90 -13.57 -6.46 -23.14
CA GLU C 90 -13.50 -7.09 -21.83
C GLU C 90 -12.92 -8.50 -21.87
N ASP C 91 -12.94 -9.14 -23.04
CA ASP C 91 -12.40 -10.49 -23.17
C ASP C 91 -10.88 -10.53 -23.22
N THR C 92 -10.22 -9.39 -23.40
CA THR C 92 -8.76 -9.32 -23.35
C THR C 92 -8.27 -9.80 -21.99
N ALA C 93 -7.52 -10.91 -21.98
CA ALA C 93 -7.08 -11.50 -20.73
C ALA C 93 -6.06 -12.60 -21.00
N VAL C 94 -5.41 -13.06 -19.93
CA VAL C 94 -4.62 -14.28 -19.97
C VAL C 94 -5.52 -15.45 -19.66
N TYR C 95 -5.50 -16.47 -20.51
CA TYR C 95 -6.40 -17.62 -20.39
C TYR C 95 -5.60 -18.85 -19.99
N TYR C 96 -5.92 -19.39 -18.82
CA TYR C 96 -5.36 -20.65 -18.34
C TYR C 96 -6.36 -21.77 -18.59
N CYS C 97 -5.87 -22.89 -19.12
CA CYS C 97 -6.63 -24.13 -19.01
C CYS C 97 -6.21 -24.82 -17.72
N ALA C 98 -7.14 -25.56 -17.13
CA ALA C 98 -6.89 -26.16 -15.83
C ALA C 98 -7.63 -27.48 -15.72
N LYS C 99 -7.08 -28.38 -14.93
CA LYS C 99 -7.62 -29.73 -14.79
C LYS C 99 -8.46 -29.81 -13.51
N ASP C 100 -9.64 -30.42 -13.63
CA ASP C 100 -10.49 -30.65 -12.46
C ASP C 100 -10.00 -31.89 -11.72
N ARG C 101 -10.24 -31.91 -10.41
CA ARG C 101 -9.83 -33.04 -9.59
C ARG C 101 -10.61 -34.30 -9.96
N LEU C 102 -11.84 -34.15 -10.45
CA LEU C 102 -12.55 -35.32 -10.96
C LEU C 102 -13.14 -34.99 -12.33
N GLY C 103 -14.45 -34.82 -12.40
CA GLY C 103 -15.05 -34.46 -13.66
C GLY C 103 -15.38 -35.62 -14.59
N ARG C 104 -15.26 -36.86 -14.12
CA ARG C 104 -15.61 -38.00 -14.94
C ARG C 104 -17.12 -38.23 -14.93
N PRO C 105 -17.67 -38.87 -15.96
CA PRO C 105 -19.11 -39.08 -16.02
C PRO C 105 -19.55 -40.31 -15.23
N TRP C 106 -20.84 -40.33 -14.92
CA TRP C 106 -21.51 -41.44 -14.28
C TRP C 106 -22.79 -41.71 -15.05
N ASN C 107 -23.12 -42.99 -15.21
CA ASN C 107 -24.39 -43.34 -15.87
C ASN C 107 -25.44 -43.43 -14.78
N ILE C 108 -26.19 -42.35 -14.59
CA ILE C 108 -27.16 -42.24 -13.53
C ILE C 108 -28.48 -41.77 -14.11
N GLY C 109 -29.54 -42.57 -13.93
CA GLY C 109 -30.87 -42.18 -14.35
C GLY C 109 -31.02 -41.97 -15.84
N GLY C 110 -30.28 -42.72 -16.66
CA GLY C 110 -30.32 -42.55 -18.09
C GLY C 110 -29.57 -41.34 -18.60
N ARG C 111 -28.84 -40.65 -17.73
CA ARG C 111 -28.10 -39.42 -18.04
C ARG C 111 -26.66 -39.57 -17.57
N LEU C 112 -25.81 -38.67 -18.07
CA LEU C 112 -24.43 -38.59 -17.61
C LEU C 112 -24.33 -37.53 -16.53
N VAL C 113 -23.74 -37.89 -15.39
CA VAL C 113 -23.68 -37.01 -14.23
C VAL C 113 -22.21 -36.73 -13.94
N TYR C 114 -21.86 -35.45 -13.87
CA TYR C 114 -20.49 -35.03 -13.60
C TYR C 114 -20.40 -34.36 -12.23
N TYR C 115 -19.30 -34.62 -11.52
CA TYR C 115 -19.03 -34.03 -10.20
C TYR C 115 -17.72 -33.28 -10.29
N TYR C 116 -17.80 -31.95 -10.44
CA TYR C 116 -16.61 -31.11 -10.51
C TYR C 116 -16.23 -30.59 -9.13
N TYR C 117 -14.92 -30.54 -8.87
CA TYR C 117 -14.40 -30.13 -7.57
C TYR C 117 -13.41 -28.98 -7.64
N GLY C 118 -13.25 -28.35 -8.80
CA GLY C 118 -12.32 -27.25 -8.96
C GLY C 118 -10.99 -27.68 -9.56
N MET C 119 -10.16 -26.68 -9.86
CA MET C 119 -8.89 -26.91 -10.54
C MET C 119 -7.80 -27.33 -9.55
N ASP C 120 -6.96 -28.28 -9.97
CA ASP C 120 -5.81 -28.69 -9.16
C ASP C 120 -4.48 -28.49 -9.86
N VAL C 121 -4.45 -28.44 -11.18
CA VAL C 121 -3.23 -28.09 -11.91
C VAL C 121 -3.61 -27.12 -13.04
N TRP C 122 -2.73 -26.15 -13.28
CA TRP C 122 -2.94 -25.09 -14.25
C TRP C 122 -1.82 -25.06 -15.27
N GLY C 123 -2.12 -24.49 -16.43
CA GLY C 123 -1.11 -24.27 -17.45
C GLY C 123 -0.42 -22.93 -17.27
N GLN C 124 0.46 -22.62 -18.22
CA GLN C 124 1.17 -21.35 -18.17
C GLN C 124 0.32 -20.19 -18.68
N GLY C 125 -0.72 -20.49 -19.45
CA GLY C 125 -1.62 -19.46 -19.96
C GLY C 125 -1.22 -18.94 -21.32
N THR C 126 -2.21 -18.45 -22.07
CA THR C 126 -2.00 -17.82 -23.37
C THR C 126 -2.79 -16.51 -23.39
N THR C 127 -2.23 -15.46 -23.98
CA THR C 127 -2.82 -14.14 -23.88
C THR C 127 -3.67 -13.80 -25.09
N VAL C 128 -4.89 -13.33 -24.84
CA VAL C 128 -5.82 -12.91 -25.87
C VAL C 128 -6.00 -11.40 -25.77
N THR C 129 -5.66 -10.70 -26.84
CA THR C 129 -5.75 -9.25 -26.91
C THR C 129 -6.79 -8.90 -27.97
N VAL C 130 -7.85 -8.24 -27.54
CA VAL C 130 -8.89 -7.77 -28.46
C VAL C 130 -8.55 -6.32 -28.78
N SER C 131 -8.21 -6.09 -30.06
CA SER C 131 -7.78 -4.78 -30.53
C SER C 131 -7.77 -4.82 -32.05
N SER C 132 -7.84 -3.63 -32.64
CA SER C 132 -7.75 -3.51 -34.08
C SER C 132 -6.33 -3.33 -34.57
N ALA C 133 -5.36 -3.23 -33.66
CA ALA C 133 -3.97 -2.93 -34.01
C ALA C 133 -3.27 -4.15 -34.61
N SER C 134 -2.22 -3.86 -35.37
CA SER C 134 -1.41 -4.87 -36.06
C SER C 134 -0.44 -5.59 -35.12
N THR C 135 -0.16 -6.85 -35.45
CA THR C 135 0.86 -7.64 -34.75
C THR C 135 2.25 -7.24 -35.25
N LYS C 136 3.13 -6.85 -34.32
CA LYS C 136 4.47 -6.45 -34.70
C LYS C 136 5.49 -7.19 -33.83
N GLY C 137 6.51 -7.77 -34.47
CA GLY C 137 7.56 -8.46 -33.76
C GLY C 137 8.52 -7.51 -33.07
N PRO C 138 9.18 -7.98 -32.02
CA PRO C 138 10.06 -7.09 -31.24
C PRO C 138 11.44 -6.94 -31.85
N SER C 139 12.01 -5.75 -31.66
CA SER C 139 13.41 -5.49 -31.92
C SER C 139 14.16 -5.59 -30.61
N VAL C 140 15.29 -6.31 -30.60
CA VAL C 140 15.99 -6.65 -29.38
C VAL C 140 17.35 -6.00 -29.38
N PHE C 141 17.64 -5.22 -28.34
CA PHE C 141 18.92 -4.56 -28.26
C PHE C 141 19.63 -4.95 -26.97
N PRO C 142 20.95 -4.97 -26.97
CA PRO C 142 21.68 -5.33 -25.75
C PRO C 142 21.77 -4.15 -24.79
N LEU C 143 21.96 -4.48 -23.51
CA LEU C 143 22.30 -3.52 -22.48
C LEU C 143 23.61 -4.04 -21.89
N ALA C 144 24.71 -3.63 -22.50
CA ALA C 144 26.04 -4.15 -22.22
C ALA C 144 26.56 -3.59 -20.91
N PRO C 145 27.33 -4.39 -20.16
CA PRO C 145 27.92 -3.88 -18.93
C PRO C 145 29.06 -2.91 -19.21
N SER C 146 30.05 -2.91 -18.32
CA SER C 146 31.22 -2.04 -18.46
C SER C 146 32.28 -2.49 -17.48
N SER C 147 33.53 -2.25 -17.83
CA SER C 147 34.67 -2.60 -17.00
C SER C 147 34.93 -1.59 -15.88
N LYS C 148 33.87 -1.08 -15.26
CA LYS C 148 33.99 -0.07 -14.20
C LYS C 148 33.77 -0.70 -12.82
N GLY C 152 32.91 -2.44 -9.14
CA GLY C 152 31.94 -2.30 -8.07
C GLY C 152 31.66 -3.62 -7.36
N GLY C 153 30.46 -3.74 -6.78
CA GLY C 153 30.09 -4.98 -6.13
C GLY C 153 29.99 -6.14 -7.10
N THR C 154 29.18 -5.97 -8.14
CA THR C 154 29.03 -6.95 -9.22
C THR C 154 28.84 -6.18 -10.52
N ALA C 155 28.46 -6.89 -11.57
CA ALA C 155 28.18 -6.30 -12.87
C ALA C 155 26.75 -6.63 -13.29
N ALA C 156 26.15 -5.73 -14.06
CA ALA C 156 24.78 -5.91 -14.53
C ALA C 156 24.73 -5.88 -16.05
N LEU C 157 23.92 -6.75 -16.63
CA LEU C 157 23.77 -6.78 -18.09
C LEU C 157 22.37 -7.25 -18.45
N GLY C 158 21.89 -6.82 -19.62
CA GLY C 158 20.51 -7.12 -19.94
C GLY C 158 20.18 -7.03 -21.41
N CYS C 159 18.88 -7.08 -21.67
CA CYS C 159 18.30 -7.06 -23.00
C CYS C 159 17.07 -6.17 -22.96
N LEU C 160 17.02 -5.21 -23.88
CA LEU C 160 15.87 -4.32 -24.02
C LEU C 160 15.05 -4.81 -25.22
N VAL C 161 13.84 -5.28 -24.94
CA VAL C 161 12.91 -5.77 -25.96
C VAL C 161 11.94 -4.65 -26.25
N LYS C 162 11.92 -4.17 -27.50
CA LYS C 162 11.24 -2.92 -27.79
C LYS C 162 10.35 -3.05 -29.01
N ASP C 163 9.28 -2.26 -29.04
CA ASP C 163 8.31 -2.14 -30.13
C ASP C 163 7.80 -3.52 -30.59
N TYR C 164 7.03 -4.15 -29.70
CA TYR C 164 6.31 -5.37 -30.04
C TYR C 164 4.85 -5.22 -29.63
N PHE C 165 3.98 -5.96 -30.32
CA PHE C 165 2.56 -5.98 -30.05
C PHE C 165 2.06 -7.32 -30.57
N PRO C 166 1.26 -8.04 -29.80
CA PRO C 166 0.81 -7.66 -28.46
C PRO C 166 1.64 -8.31 -27.36
N GLU C 167 1.10 -8.28 -26.15
CA GLU C 167 1.70 -9.03 -25.06
C GLU C 167 1.49 -10.52 -25.30
N PRO C 168 2.34 -11.38 -24.72
CA PRO C 168 3.54 -11.15 -23.92
C PRO C 168 4.82 -11.57 -24.64
N VAL C 169 5.97 -11.13 -24.15
CA VAL C 169 7.26 -11.70 -24.53
C VAL C 169 7.87 -12.35 -23.29
N THR C 170 8.44 -13.53 -23.48
CA THR C 170 9.12 -14.25 -22.42
C THR C 170 10.62 -14.10 -22.62
N VAL C 171 11.36 -13.88 -21.53
CA VAL C 171 12.81 -13.77 -21.61
C VAL C 171 13.43 -14.72 -20.60
N SER C 172 14.32 -15.59 -21.09
CA SER C 172 15.14 -16.45 -20.26
C SER C 172 16.60 -16.16 -20.55
N TRP C 173 17.50 -16.73 -19.76
CA TRP C 173 18.92 -16.47 -19.91
C TRP C 173 19.68 -17.78 -20.02
N ASN C 174 20.52 -17.90 -21.04
CA ASN C 174 21.27 -19.12 -21.31
C ASN C 174 20.34 -20.32 -21.41
N SER C 175 19.20 -20.10 -22.07
CA SER C 175 18.16 -21.12 -22.20
C SER C 175 17.81 -21.72 -20.84
N GLY C 176 17.58 -20.85 -19.87
CA GLY C 176 17.19 -21.26 -18.54
C GLY C 176 18.31 -21.70 -17.63
N ALA C 177 19.55 -21.76 -18.12
CA ALA C 177 20.67 -22.19 -17.28
C ALA C 177 21.07 -21.14 -16.25
N LEU C 178 20.74 -19.88 -16.48
CA LEU C 178 21.06 -18.79 -15.56
C LEU C 178 19.74 -18.31 -14.95
N THR C 179 19.55 -18.59 -13.65
CA THR C 179 18.32 -18.24 -12.97
C THR C 179 18.50 -17.24 -11.82
N SER C 180 19.64 -17.27 -11.12
CA SER C 180 19.86 -16.35 -10.01
C SER C 180 20.18 -14.96 -10.53
N GLY C 181 19.61 -13.94 -9.87
CA GLY C 181 19.87 -12.56 -10.22
C GLY C 181 19.09 -12.01 -11.38
N VAL C 182 18.23 -12.82 -12.02
CA VAL C 182 17.49 -12.36 -13.19
C VAL C 182 16.28 -11.55 -12.73
N HIS C 183 16.07 -10.40 -13.38
CA HIS C 183 14.91 -9.53 -13.12
C HIS C 183 14.33 -9.13 -14.46
N THR C 184 13.22 -9.76 -14.86
CA THR C 184 12.47 -9.33 -16.04
C THR C 184 11.34 -8.41 -15.59
N PHE C 185 11.34 -7.19 -16.11
CA PHE C 185 10.45 -6.13 -15.65
C PHE C 185 9.10 -6.19 -16.33
N PRO C 186 8.06 -5.64 -15.70
CA PRO C 186 6.77 -5.49 -16.38
C PRO C 186 6.91 -4.69 -17.67
N ALA C 187 6.12 -5.07 -18.67
CA ALA C 187 6.15 -4.38 -19.94
C ALA C 187 5.50 -3.01 -19.81
N VAL C 188 6.02 -2.06 -20.57
CA VAL C 188 5.50 -0.69 -20.59
C VAL C 188 4.94 -0.41 -21.98
N LEU C 189 3.76 0.20 -22.03
CA LEU C 189 3.13 0.57 -23.29
C LEU C 189 3.61 1.96 -23.68
N GLN C 190 4.27 2.07 -24.83
CA GLN C 190 4.79 3.34 -25.28
C GLN C 190 3.67 4.17 -25.92
N SER C 191 3.94 5.48 -26.05
CA SER C 191 3.01 6.36 -26.76
C SER C 191 2.73 5.89 -28.17
N SER C 192 3.70 5.24 -28.82
CA SER C 192 3.49 4.62 -30.12
C SER C 192 2.29 3.68 -30.13
N GLY C 193 2.00 3.01 -29.01
CA GLY C 193 1.08 1.90 -28.99
C GLY C 193 1.73 0.54 -29.00
N LEU C 194 3.05 0.47 -28.98
CA LEU C 194 3.79 -0.78 -28.94
C LEU C 194 4.48 -0.92 -27.59
N TYR C 195 4.71 -2.16 -27.17
CA TYR C 195 5.24 -2.42 -25.84
C TYR C 195 6.76 -2.41 -25.81
N SER C 196 7.30 -2.22 -24.62
CA SER C 196 8.74 -2.29 -24.38
C SER C 196 8.98 -2.80 -22.97
N LEU C 197 9.99 -3.65 -22.82
CA LEU C 197 10.34 -4.20 -21.51
C LEU C 197 11.84 -4.43 -21.45
N SER C 198 12.32 -4.65 -20.23
CA SER C 198 13.73 -4.85 -19.93
C SER C 198 13.91 -6.16 -19.18
N SER C 199 14.99 -6.88 -19.49
CA SER C 199 15.38 -8.05 -18.70
C SER C 199 16.84 -7.91 -18.33
N VAL C 200 17.13 -7.96 -17.03
CA VAL C 200 18.49 -7.75 -16.55
C VAL C 200 18.90 -8.94 -15.69
N VAL C 201 20.21 -9.08 -15.50
CA VAL C 201 20.78 -10.07 -14.59
C VAL C 201 22.09 -9.51 -14.07
N THR C 202 22.40 -9.83 -12.82
CA THR C 202 23.64 -9.42 -12.18
C THR C 202 24.55 -10.64 -12.00
N VAL C 203 25.83 -10.43 -12.29
CA VAL C 203 26.82 -11.50 -12.34
C VAL C 203 28.10 -10.99 -11.69
N PRO C 204 28.93 -11.91 -11.21
CA PRO C 204 30.27 -11.50 -10.75
C PRO C 204 31.06 -10.85 -11.88
N SER C 205 31.79 -9.78 -11.53
CA SER C 205 32.57 -9.08 -12.55
C SER C 205 33.65 -9.98 -13.12
N SER C 206 34.17 -10.90 -12.31
CA SER C 206 35.08 -11.94 -12.78
C SER C 206 34.51 -12.71 -13.96
N SER C 207 33.19 -12.93 -13.98
CA SER C 207 32.59 -13.88 -14.92
C SER C 207 32.70 -13.45 -16.38
N LEU C 208 33.02 -12.19 -16.65
CA LEU C 208 33.09 -11.72 -18.02
C LEU C 208 34.31 -12.32 -18.73
N GLY C 209 34.08 -12.94 -19.89
CA GLY C 209 35.15 -13.45 -20.72
C GLY C 209 35.19 -14.97 -20.79
N THR C 210 34.88 -15.63 -19.68
CA THR C 210 34.83 -17.09 -19.64
C THR C 210 33.42 -17.60 -19.89
N GLN C 211 32.41 -16.94 -19.32
CA GLN C 211 31.02 -17.38 -19.41
C GLN C 211 30.26 -16.47 -20.36
N THR C 212 29.54 -17.08 -21.30
CA THR C 212 28.70 -16.37 -22.25
C THR C 212 27.29 -16.15 -21.66
N TYR C 213 26.67 -15.03 -22.03
CA TYR C 213 25.35 -14.65 -21.56
C TYR C 213 24.51 -14.23 -22.77
N ILE C 214 23.38 -14.92 -22.97
CA ILE C 214 22.48 -14.73 -24.11
C ILE C 214 21.05 -14.60 -23.59
N CYS C 215 20.27 -13.69 -24.19
CA CYS C 215 18.85 -13.57 -23.85
C CYS C 215 18.14 -14.54 -24.77
N ASN C 216 17.12 -15.20 -24.28
CA ASN C 216 16.25 -15.99 -25.12
C ASN C 216 14.90 -15.27 -25.06
N VAL C 217 14.59 -14.50 -26.11
CA VAL C 217 13.36 -13.73 -26.18
C VAL C 217 12.40 -14.50 -27.06
N ASN C 218 11.19 -14.71 -26.54
CA ASN C 218 10.10 -15.39 -27.24
C ASN C 218 8.93 -14.43 -27.37
N HIS C 219 8.42 -14.28 -28.58
CA HIS C 219 7.14 -13.61 -28.82
C HIS C 219 6.30 -14.59 -29.64
N LYS C 220 5.34 -15.26 -28.99
CA LYS C 220 4.59 -16.30 -29.69
C LYS C 220 3.38 -15.79 -30.46
N PRO C 221 2.83 -14.61 -30.16
CA PRO C 221 1.87 -14.00 -31.09
C PRO C 221 2.49 -13.60 -32.44
N SER C 222 3.81 -13.44 -32.52
CA SER C 222 4.50 -13.11 -33.76
C SER C 222 5.25 -14.29 -34.36
N ASN C 223 5.40 -15.38 -33.61
CA ASN C 223 6.31 -16.48 -33.92
C ASN C 223 7.73 -15.97 -34.19
N THR C 224 8.25 -15.19 -33.25
CA THR C 224 9.64 -14.72 -33.34
C THR C 224 10.39 -15.08 -32.07
N LYS C 225 11.35 -16.00 -32.20
CA LYS C 225 12.34 -16.28 -31.18
C LYS C 225 13.66 -15.65 -31.59
N VAL C 226 14.24 -14.84 -30.71
CA VAL C 226 15.55 -14.22 -30.98
C VAL C 226 16.49 -14.48 -29.81
N ASP C 227 17.74 -14.77 -30.13
CA ASP C 227 18.81 -14.85 -29.14
C ASP C 227 19.81 -13.73 -29.40
N LYS C 228 19.98 -12.84 -28.42
CA LYS C 228 20.89 -11.71 -28.51
C LYS C 228 21.94 -11.88 -27.42
N LYS C 229 23.21 -11.77 -27.80
CA LYS C 229 24.32 -12.02 -26.87
C LYS C 229 24.97 -10.69 -26.49
N VAL C 230 25.27 -10.54 -25.21
CA VAL C 230 25.72 -9.29 -24.64
C VAL C 230 27.22 -9.38 -24.29
N GLU C 231 28.02 -8.59 -24.99
CA GLU C 231 29.43 -8.38 -24.68
C GLU C 231 29.65 -6.89 -24.43
N PRO C 232 30.62 -6.54 -23.57
CA PRO C 232 30.96 -5.13 -23.35
C PRO C 232 31.35 -4.37 -24.61
N ALA D 1 -27.31 -16.09 -7.41
CA ALA D 1 -25.87 -16.25 -7.58
C ALA D 1 -25.16 -16.19 -6.23
N ILE D 2 -23.93 -16.70 -6.18
CA ILE D 2 -23.13 -16.73 -4.95
C ILE D 2 -22.03 -15.68 -5.09
N ARG D 3 -22.01 -14.71 -4.18
CA ARG D 3 -20.97 -13.69 -4.15
C ARG D 3 -19.92 -14.06 -3.10
N MET D 4 -18.66 -14.09 -3.49
CA MET D 4 -17.57 -14.43 -2.57
C MET D 4 -16.70 -13.22 -2.25
N THR D 5 -16.32 -13.10 -0.97
CA THR D 5 -15.57 -11.97 -0.44
C THR D 5 -14.33 -12.49 0.28
N GLN D 6 -13.29 -11.65 0.29
CA GLN D 6 -12.09 -11.96 1.06
C GLN D 6 -11.64 -10.72 1.81
N SER D 7 -11.11 -10.95 3.02
CA SER D 7 -10.62 -9.89 3.87
C SER D 7 -9.33 -10.33 4.54
N PRO D 8 -8.31 -9.47 4.60
CA PRO D 8 -8.31 -8.12 4.02
C PRO D 8 -8.09 -8.14 2.51
N SER D 9 -8.12 -6.96 1.91
CA SER D 9 -7.78 -6.86 0.50
C SER D 9 -6.28 -7.01 0.28
N SER D 10 -5.48 -6.35 1.11
CA SER D 10 -4.03 -6.43 1.05
C SER D 10 -3.48 -6.23 2.46
N LEU D 11 -2.40 -6.93 2.76
CA LEU D 11 -1.81 -6.84 4.09
C LEU D 11 -0.29 -6.86 3.96
N SER D 12 0.36 -6.28 4.96
CA SER D 12 1.81 -6.33 5.08
C SER D 12 2.15 -6.95 6.44
N ALA D 13 2.99 -7.97 6.42
CA ALA D 13 3.37 -8.69 7.64
C ALA D 13 4.86 -8.96 7.60
N SER D 14 5.42 -9.33 8.74
CA SER D 14 6.84 -9.61 8.83
C SER D 14 7.10 -11.12 8.71
N VAL D 15 8.29 -11.46 8.25
CA VAL D 15 8.66 -12.86 8.12
C VAL D 15 8.65 -13.50 9.50
N GLY D 16 8.00 -14.66 9.62
CA GLY D 16 7.81 -15.32 10.88
C GLY D 16 6.44 -15.11 11.49
N ASP D 17 5.66 -14.19 10.96
CA ASP D 17 4.33 -13.91 11.47
C ASP D 17 3.36 -15.03 11.11
N ARG D 18 2.25 -15.10 11.84
CA ARG D 18 1.15 -15.97 11.51
C ARG D 18 0.08 -15.12 10.85
N VAL D 19 -0.29 -15.45 9.62
CA VAL D 19 -1.12 -14.57 8.81
C VAL D 19 -2.45 -15.26 8.54
N THR D 20 -3.55 -14.60 8.92
CA THR D 20 -4.88 -15.14 8.75
C THR D 20 -5.66 -14.29 7.75
N ILE D 21 -6.27 -14.95 6.76
CA ILE D 21 -7.14 -14.29 5.80
C ILE D 21 -8.48 -15.02 5.80
N THR D 22 -9.55 -14.28 5.54
CA THR D 22 -10.90 -14.78 5.65
C THR D 22 -11.58 -14.74 4.30
N CYS D 23 -12.41 -15.74 4.03
CA CYS D 23 -13.24 -15.83 2.83
C CYS D 23 -14.67 -16.05 3.31
N GLN D 24 -15.62 -15.40 2.62
CA GLN D 24 -17.01 -15.54 3.03
C GLN D 24 -17.90 -15.63 1.81
N ALA D 25 -18.93 -16.45 1.91
CA ALA D 25 -19.82 -16.74 0.80
C ALA D 25 -21.20 -16.19 1.08
N SER D 26 -21.84 -15.68 0.03
CA SER D 26 -23.24 -15.25 0.11
C SER D 26 -24.10 -16.26 0.85
N GLN D 27 -24.09 -17.51 0.40
CA GLN D 27 -24.94 -18.56 0.94
C GLN D 27 -24.09 -19.76 1.34
N ASP D 28 -24.76 -20.71 2.00
CA ASP D 28 -24.10 -21.91 2.49
C ASP D 28 -23.56 -22.73 1.33
N ILE D 29 -22.25 -23.01 1.36
CA ILE D 29 -21.58 -23.81 0.36
C ILE D 29 -20.98 -25.08 0.95
N LYS D 30 -21.37 -25.44 2.18
CA LYS D 30 -20.89 -26.65 2.87
C LYS D 30 -19.38 -26.50 3.01
N LYS D 31 -18.57 -27.47 2.57
CA LYS D 31 -17.12 -27.31 2.59
C LYS D 31 -16.53 -27.26 1.19
N SER D 32 -17.35 -26.95 0.18
CA SER D 32 -16.91 -26.92 -1.21
C SER D 32 -16.20 -25.60 -1.50
N LEU D 33 -15.01 -25.48 -0.95
CA LEU D 33 -14.18 -24.29 -1.09
C LEU D 33 -12.74 -24.73 -1.25
N ASN D 34 -12.04 -24.11 -2.20
CA ASN D 34 -10.62 -24.34 -2.39
C ASN D 34 -9.85 -23.05 -2.20
N TRP D 35 -8.58 -23.16 -1.82
CA TRP D 35 -7.71 -22.01 -1.67
C TRP D 35 -6.57 -22.14 -2.68
N TYR D 36 -6.43 -21.14 -3.54
CA TYR D 36 -5.38 -21.06 -4.53
C TYR D 36 -4.41 -19.94 -4.15
N ARG D 37 -3.15 -20.11 -4.51
CA ARG D 37 -2.16 -19.06 -4.35
C ARG D 37 -1.55 -18.75 -5.71
N GLN D 38 -1.33 -17.47 -5.98
CA GLN D 38 -0.64 -17.04 -7.19
C GLN D 38 0.57 -16.22 -6.76
N LYS D 39 1.77 -16.79 -6.95
CA LYS D 39 2.99 -16.05 -6.74
C LYS D 39 3.17 -15.04 -7.89
N PRO D 40 3.87 -13.94 -7.64
CA PRO D 40 3.97 -12.88 -8.66
C PRO D 40 4.50 -13.39 -9.98
N GLY D 41 3.69 -13.22 -11.03
CA GLY D 41 4.06 -13.60 -12.37
C GLY D 41 3.90 -15.06 -12.71
N LYS D 42 3.51 -15.90 -11.74
CA LYS D 42 3.37 -17.33 -11.96
C LYS D 42 1.89 -17.70 -12.09
N ALA D 43 1.66 -18.95 -12.50
CA ALA D 43 0.31 -19.48 -12.59
C ALA D 43 -0.20 -19.86 -11.21
N PRO D 44 -1.52 -19.93 -11.05
CA PRO D 44 -2.07 -20.36 -9.76
C PRO D 44 -1.73 -21.79 -9.44
N GLU D 45 -1.69 -22.08 -8.15
CA GLU D 45 -1.51 -23.44 -7.65
C GLU D 45 -2.45 -23.62 -6.47
N LEU D 46 -3.06 -24.80 -6.41
CA LEU D 46 -4.05 -25.09 -5.39
C LEU D 46 -3.36 -25.62 -4.15
N LEU D 47 -3.69 -25.06 -2.99
CA LEU D 47 -3.05 -25.43 -1.74
C LEU D 47 -3.90 -26.35 -0.88
N ILE D 48 -5.20 -26.05 -0.75
CA ILE D 48 -6.10 -26.84 0.07
C ILE D 48 -7.44 -26.97 -0.65
N HIS D 49 -8.03 -28.16 -0.55
CA HIS D 49 -9.31 -28.48 -1.15
C HIS D 49 -10.28 -28.98 -0.09
N ASP D 50 -11.56 -28.92 -0.42
CA ASP D 50 -12.66 -29.20 0.51
C ASP D 50 -12.43 -28.51 1.86
N ALA D 51 -12.26 -27.19 1.77
CA ALA D 51 -12.24 -26.28 2.92
C ALA D 51 -10.99 -26.42 3.78
N SER D 52 -10.63 -27.64 4.16
CA SER D 52 -9.62 -27.84 5.21
C SER D 52 -8.50 -28.82 4.88
N ILE D 53 -8.51 -29.45 3.72
CA ILE D 53 -7.58 -30.55 3.44
C ILE D 53 -6.45 -30.05 2.56
N LEU D 54 -5.21 -30.29 3.01
CA LEU D 54 -4.03 -29.86 2.27
C LEU D 54 -3.79 -30.78 1.08
N GLN D 55 -3.46 -30.20 -0.05
CA GLN D 55 -3.31 -30.99 -1.26
C GLN D 55 -1.97 -31.71 -1.28
N THR D 56 -1.94 -32.86 -1.95
CA THR D 56 -0.74 -33.67 -2.02
C THR D 56 0.40 -32.91 -2.68
N GLY D 57 1.61 -33.12 -2.15
CA GLY D 57 2.80 -32.45 -2.65
C GLY D 57 3.02 -31.04 -2.13
N VAL D 58 2.14 -30.55 -1.26
CA VAL D 58 2.29 -29.21 -0.69
C VAL D 58 2.79 -29.36 0.75
N PRO D 59 3.73 -28.51 1.19
CA PRO D 59 4.23 -28.64 2.57
C PRO D 59 3.16 -28.22 3.57
N SER D 60 3.35 -28.68 4.81
CA SER D 60 2.41 -28.40 5.90
C SER D 60 2.72 -27.03 6.54
N ALA D 61 2.58 -25.99 5.75
CA ALA D 61 2.83 -24.63 6.20
C ALA D 61 1.56 -23.78 6.28
N PHE D 62 0.42 -24.32 5.87
CA PHE D 62 -0.86 -23.61 5.91
C PHE D 62 -1.90 -24.45 6.61
N THR D 63 -2.78 -23.79 7.34
CA THR D 63 -3.94 -24.42 7.94
C THR D 63 -5.19 -23.73 7.40
N ALA D 64 -6.31 -24.44 7.38
CA ALA D 64 -7.56 -23.81 6.98
C ALA D 64 -8.71 -24.47 7.71
N SER D 65 -9.79 -23.72 7.82
CA SER D 65 -10.98 -24.23 8.49
C SER D 65 -12.18 -23.46 7.95
N GLY D 66 -13.36 -23.86 8.40
CA GLY D 66 -14.56 -23.16 8.00
C GLY D 66 -15.61 -24.06 7.41
N SER D 67 -16.82 -23.55 7.33
CA SER D 67 -17.93 -24.27 6.73
C SER D 67 -19.05 -23.29 6.48
N GLY D 68 -20.05 -23.75 5.74
CA GLY D 68 -21.23 -22.96 5.49
C GLY D 68 -20.93 -21.67 4.76
N THR D 69 -20.77 -20.59 5.53
CA THR D 69 -20.56 -19.28 4.96
C THR D 69 -19.25 -18.63 5.37
N HIS D 70 -18.47 -19.22 6.29
CA HIS D 70 -17.25 -18.58 6.78
C HIS D 70 -16.08 -19.55 6.70
N PHE D 71 -14.97 -19.09 6.09
CA PHE D 71 -13.79 -19.92 5.91
C PHE D 71 -12.54 -19.10 6.20
N SER D 72 -11.51 -19.76 6.70
CA SER D 72 -10.27 -19.10 7.09
C SER D 72 -9.06 -19.87 6.59
N PHE D 73 -8.04 -19.12 6.15
CA PHE D 73 -6.77 -19.64 5.66
C PHE D 73 -5.63 -18.95 6.40
N VAL D 74 -4.73 -19.73 7.00
CA VAL D 74 -3.67 -19.18 7.84
C VAL D 74 -2.33 -19.73 7.39
N ILE D 75 -1.37 -18.83 7.20
CA ILE D 75 0.03 -19.17 7.05
C ILE D 75 0.63 -19.26 8.45
N ASN D 76 1.14 -20.45 8.80
CA ASN D 76 1.62 -20.69 10.16
C ASN D 76 2.80 -19.81 10.50
N LYS D 77 3.79 -19.74 9.60
CA LYS D 77 4.96 -18.91 9.81
C LYS D 77 5.38 -18.35 8.46
N LEU D 78 5.31 -17.02 8.34
CA LEU D 78 5.45 -16.38 7.04
C LEU D 78 6.90 -16.38 6.60
N GLN D 79 7.11 -16.60 5.30
CA GLN D 79 8.42 -16.62 4.68
C GLN D 79 8.40 -15.78 3.40
N PRO D 80 9.59 -15.36 2.93
CA PRO D 80 9.61 -14.53 1.71
C PRO D 80 8.99 -15.19 0.49
N GLU D 81 8.99 -16.52 0.43
CA GLU D 81 8.40 -17.21 -0.71
C GLU D 81 6.87 -17.15 -0.73
N ASP D 82 6.24 -16.67 0.34
CA ASP D 82 4.79 -16.62 0.41
C ASP D 82 4.21 -15.31 -0.10
N VAL D 83 5.03 -14.44 -0.69
CA VAL D 83 4.48 -13.23 -1.28
C VAL D 83 3.66 -13.59 -2.51
N GLY D 84 2.53 -12.93 -2.67
CA GLY D 84 1.63 -13.19 -3.77
C GLY D 84 0.20 -12.89 -3.37
N THR D 85 -0.73 -13.45 -4.13
CA THR D 85 -2.16 -13.19 -3.91
C THR D 85 -2.88 -14.52 -3.71
N TYR D 86 -3.68 -14.58 -2.64
CA TYR D 86 -4.37 -15.79 -2.24
C TYR D 86 -5.85 -15.64 -2.54
N PHE D 87 -6.38 -16.56 -3.34
CA PHE D 87 -7.78 -16.57 -3.75
C PHE D 87 -8.51 -17.73 -3.09
N CYS D 88 -9.77 -17.51 -2.77
CA CYS D 88 -10.67 -18.61 -2.45
C CYS D 88 -11.63 -18.81 -3.62
N GLN D 89 -12.07 -20.03 -3.81
CA GLN D 89 -13.01 -20.29 -4.89
C GLN D 89 -14.02 -21.33 -4.46
N GLU D 90 -15.28 -21.05 -4.74
CA GLU D 90 -16.39 -21.93 -4.39
C GLU D 90 -16.71 -22.84 -5.56
N TYR D 91 -17.04 -24.09 -5.26
CA TYR D 91 -17.48 -25.05 -6.27
C TYR D 91 -18.74 -25.79 -5.82
N GLU D 92 -19.65 -25.08 -5.16
CA GLU D 92 -20.93 -25.71 -4.85
C GLU D 92 -21.89 -25.63 -6.02
N ASN D 93 -21.74 -24.63 -6.89
CA ASN D 93 -22.58 -24.47 -8.07
C ASN D 93 -21.70 -24.50 -9.32
N LEU D 94 -22.33 -24.40 -10.47
CA LEU D 94 -21.61 -24.45 -11.74
C LEU D 94 -21.02 -23.12 -12.16
N GLN D 95 -21.01 -22.13 -11.27
CA GLN D 95 -20.39 -20.85 -11.59
C GLN D 95 -18.92 -20.78 -11.16
N PHE D 96 -18.50 -21.61 -10.22
CA PHE D 96 -17.09 -21.71 -9.80
C PHE D 96 -16.50 -20.35 -9.45
N THR D 97 -17.20 -19.61 -8.59
CA THR D 97 -16.87 -18.20 -8.41
C THR D 97 -15.62 -18.02 -7.56
N PHE D 98 -14.68 -17.24 -8.08
CA PHE D 98 -13.44 -16.91 -7.39
C PHE D 98 -13.66 -15.69 -6.50
N GLY D 99 -12.94 -15.64 -5.39
CA GLY D 99 -12.91 -14.47 -4.56
C GLY D 99 -11.98 -13.43 -5.14
N PRO D 100 -12.10 -12.19 -4.63
CA PRO D 100 -11.32 -11.09 -5.21
C PRO D 100 -9.83 -11.16 -4.93
N GLY D 101 -9.39 -12.01 -4.02
CA GLY D 101 -7.96 -12.17 -3.77
C GLY D 101 -7.44 -11.28 -2.66
N THR D 102 -6.44 -11.79 -1.95
CA THR D 102 -5.78 -11.08 -0.86
C THR D 102 -4.28 -11.03 -1.17
N LYS D 103 -3.75 -9.82 -1.38
CA LYS D 103 -2.34 -9.65 -1.68
C LYS D 103 -1.56 -9.50 -0.39
N VAL D 104 -0.47 -10.26 -0.26
CA VAL D 104 0.34 -10.32 0.94
C VAL D 104 1.72 -9.76 0.62
N GLU D 105 2.07 -8.64 1.24
CA GLU D 105 3.42 -8.10 1.17
C GLU D 105 4.15 -8.50 2.45
N ILE D 106 5.47 -8.39 2.43
CA ILE D 106 6.25 -8.75 3.60
C ILE D 106 7.17 -7.59 3.95
N LYS D 107 7.25 -7.30 5.25
CA LYS D 107 7.99 -6.16 5.76
C LYS D 107 9.39 -6.63 6.11
N ARG D 108 10.40 -5.92 5.59
CA ARG D 108 11.78 -6.30 5.79
C ARG D 108 12.59 -5.05 6.11
N THR D 109 13.87 -5.25 6.38
CA THR D 109 14.75 -4.14 6.66
C THR D 109 15.04 -3.34 5.38
N VAL D 110 15.43 -2.08 5.59
CA VAL D 110 15.78 -1.19 4.48
C VAL D 110 16.91 -1.80 3.66
N ALA D 111 16.79 -1.66 2.35
CA ALA D 111 17.84 -2.11 1.42
C ALA D 111 18.05 -1.04 0.38
N ALA D 112 19.29 -0.57 0.25
CA ALA D 112 19.60 0.46 -0.73
C ALA D 112 19.76 -0.17 -2.11
N PRO D 113 19.34 0.53 -3.17
CA PRO D 113 19.42 -0.04 -4.51
C PRO D 113 20.82 0.05 -5.09
N SER D 114 21.15 -0.91 -5.95
CA SER D 114 22.37 -0.84 -6.75
C SER D 114 22.02 -0.19 -8.08
N VAL D 115 22.62 0.96 -8.37
CA VAL D 115 22.27 1.76 -9.54
C VAL D 115 23.24 1.45 -10.66
N PHE D 116 22.70 1.18 -11.85
CA PHE D 116 23.47 0.97 -13.06
C PHE D 116 22.88 1.80 -14.19
N ILE D 117 23.72 2.21 -15.14
CA ILE D 117 23.26 2.97 -16.30
C ILE D 117 23.81 2.33 -17.56
N PHE D 118 22.98 2.27 -18.60
CA PHE D 118 23.31 1.59 -19.85
C PHE D 118 23.07 2.54 -21.03
N PRO D 119 24.06 2.69 -21.90
CA PRO D 119 23.94 3.58 -23.05
C PRO D 119 23.15 2.93 -24.18
N PRO D 120 22.69 3.72 -25.15
CA PRO D 120 21.95 3.15 -26.28
C PRO D 120 22.83 2.20 -27.08
N SER D 121 22.22 1.11 -27.54
CA SER D 121 22.96 0.12 -28.29
C SER D 121 23.44 0.69 -29.62
N ASP D 122 24.50 0.07 -30.15
CA ASP D 122 25.02 0.45 -31.45
C ASP D 122 24.00 0.20 -32.55
N GLU D 123 23.20 -0.87 -32.41
CA GLU D 123 22.24 -1.24 -33.44
C GLU D 123 21.10 -0.22 -33.53
N GLN D 124 20.64 0.28 -32.39
CA GLN D 124 19.42 1.07 -32.34
C GLN D 124 19.60 2.50 -32.86
N LEU D 125 20.82 3.02 -32.89
CA LEU D 125 21.01 4.37 -33.40
C LEU D 125 20.82 4.44 -34.90
N LYS D 126 20.94 3.32 -35.62
CA LYS D 126 20.55 3.30 -37.02
C LYS D 126 19.06 3.63 -37.20
N SER D 127 18.20 3.04 -36.37
CA SER D 127 16.76 3.22 -36.48
C SER D 127 16.29 4.64 -36.16
N GLY D 128 17.14 5.48 -35.57
CA GLY D 128 16.77 6.84 -35.24
C GLY D 128 16.25 7.06 -33.84
N THR D 129 16.28 6.04 -32.98
CA THR D 129 15.88 6.17 -31.59
C THR D 129 17.04 5.78 -30.69
N ALA D 130 17.03 6.30 -29.47
CA ALA D 130 18.07 6.05 -28.49
C ALA D 130 17.42 5.74 -27.14
N SER D 131 17.77 4.61 -26.56
CA SER D 131 17.22 4.18 -25.27
C SER D 131 18.36 4.10 -24.25
N VAL D 132 18.36 5.03 -23.30
CA VAL D 132 19.23 4.99 -22.14
C VAL D 132 18.46 4.34 -21.01
N VAL D 133 19.08 3.41 -20.28
CA VAL D 133 18.36 2.67 -19.24
C VAL D 133 19.05 2.86 -17.90
N CYS D 134 18.28 3.21 -16.87
CA CYS D 134 18.76 3.29 -15.50
C CYS D 134 18.10 2.17 -14.71
N LEU D 135 18.91 1.39 -14.01
CA LEU D 135 18.46 0.21 -13.29
C LEU D 135 18.75 0.36 -11.80
N LEU D 136 17.72 0.15 -10.98
CA LEU D 136 17.82 0.14 -9.53
C LEU D 136 17.59 -1.29 -9.08
N ASN D 137 18.61 -1.92 -8.51
CA ASN D 137 18.61 -3.36 -8.27
C ASN D 137 18.44 -3.66 -6.79
N ASN D 138 17.41 -4.47 -6.47
CA ASN D 138 17.17 -5.09 -5.17
C ASN D 138 17.22 -4.08 -4.02
N PHE D 139 16.17 -3.27 -3.94
CA PHE D 139 16.00 -2.33 -2.85
C PHE D 139 14.70 -2.60 -2.09
N TYR D 140 14.62 -2.01 -0.89
CA TYR D 140 13.40 -1.97 -0.09
C TYR D 140 13.54 -0.77 0.82
N PRO D 141 12.48 0.04 1.03
CA PRO D 141 11.12 -0.15 0.50
C PRO D 141 10.98 0.20 -0.98
N ARG D 142 9.76 0.09 -1.51
CA ARG D 142 9.55 0.24 -2.95
C ARG D 142 9.66 1.70 -3.38
N GLU D 143 9.44 2.65 -2.48
CA GLU D 143 9.46 4.05 -2.87
C GLU D 143 10.87 4.49 -3.20
N ALA D 144 11.03 5.13 -4.35
CA ALA D 144 12.31 5.64 -4.82
C ALA D 144 12.02 6.67 -5.90
N LYS D 145 12.95 7.61 -6.08
CA LYS D 145 12.78 8.63 -7.11
C LYS D 145 13.97 8.61 -8.04
N VAL D 146 13.70 8.62 -9.35
CA VAL D 146 14.72 8.66 -10.39
C VAL D 146 14.58 9.96 -11.14
N GLN D 147 15.70 10.60 -11.45
CA GLN D 147 15.72 11.85 -12.19
C GLN D 147 16.76 11.77 -13.29
N TRP D 148 16.33 11.95 -14.54
CA TRP D 148 17.25 11.97 -15.66
C TRP D 148 17.76 13.39 -15.85
N LYS D 149 19.07 13.51 -16.01
CA LYS D 149 19.73 14.77 -16.28
C LYS D 149 20.55 14.57 -17.54
N VAL D 150 20.55 15.56 -18.43
CA VAL D 150 21.39 15.47 -19.62
C VAL D 150 22.12 16.81 -19.68
N ASP D 151 23.46 16.75 -19.65
CA ASP D 151 24.28 17.95 -19.46
C ASP D 151 23.77 18.80 -18.29
N ASN D 152 23.41 18.13 -17.18
CA ASN D 152 22.90 18.78 -15.96
C ASN D 152 21.60 19.54 -16.21
N ALA D 153 20.75 19.04 -17.10
CA ALA D 153 19.44 19.62 -17.36
C ALA D 153 18.36 18.58 -17.03
N LEU D 154 17.47 18.93 -16.12
CA LEU D 154 16.44 18.00 -15.70
C LEU D 154 15.49 17.70 -16.85
N GLN D 155 15.12 16.43 -16.98
CA GLN D 155 14.27 15.97 -18.06
C GLN D 155 12.89 15.58 -17.53
N SER D 156 11.88 15.75 -18.38
CA SER D 156 10.50 15.48 -17.99
C SER D 156 9.69 15.12 -19.22
N GLY D 157 8.91 14.05 -19.12
CA GLY D 157 8.02 13.62 -20.18
C GLY D 157 8.63 12.70 -21.20
N ASN D 158 9.90 12.35 -21.08
CA ASN D 158 10.58 11.49 -22.05
C ASN D 158 11.13 10.22 -21.41
N SER D 159 10.60 9.82 -20.26
CA SER D 159 11.06 8.62 -19.57
C SER D 159 9.87 7.80 -19.10
N GLN D 160 10.09 6.51 -18.95
CA GLN D 160 9.05 5.61 -18.47
C GLN D 160 9.64 4.62 -17.48
N GLU D 161 8.85 4.28 -16.46
CA GLU D 161 9.29 3.44 -15.35
C GLU D 161 8.57 2.10 -15.38
N SER D 162 9.19 1.13 -14.72
CA SER D 162 8.57 -0.16 -14.48
C SER D 162 9.19 -0.77 -13.23
N VAL D 163 8.36 -1.29 -12.33
CA VAL D 163 8.83 -1.86 -11.07
C VAL D 163 8.41 -3.31 -11.04
N THR D 164 9.35 -4.20 -10.74
CA THR D 164 9.00 -5.60 -10.60
C THR D 164 8.29 -5.83 -9.27
N GLU D 165 7.66 -6.98 -9.14
CA GLU D 165 6.97 -7.34 -7.91
C GLU D 165 7.97 -7.79 -6.85
N GLN D 166 7.49 -7.88 -5.62
CA GLN D 166 8.33 -8.22 -4.49
C GLN D 166 9.04 -9.55 -4.73
N ASP D 167 10.35 -9.56 -4.53
CA ASP D 167 11.15 -10.74 -4.82
C ASP D 167 10.80 -11.86 -3.85
N SER D 168 10.78 -13.09 -4.37
CA SER D 168 10.36 -14.24 -3.57
C SER D 168 11.41 -14.69 -2.57
N LYS D 169 12.69 -14.33 -2.77
CA LYS D 169 13.77 -14.80 -1.91
C LYS D 169 14.20 -13.74 -0.88
N ASP D 170 14.48 -12.51 -1.32
CA ASP D 170 14.96 -11.47 -0.41
C ASP D 170 13.96 -10.32 -0.25
N SER D 171 12.77 -10.43 -0.82
CA SER D 171 11.65 -9.52 -0.59
C SER D 171 11.96 -8.09 -1.04
N THR D 172 12.90 -7.89 -1.96
CA THR D 172 13.26 -6.56 -2.42
C THR D 172 12.55 -6.25 -3.74
N TYR D 173 12.67 -4.98 -4.16
CA TYR D 173 12.13 -4.51 -5.42
C TYR D 173 13.26 -4.05 -6.33
N SER D 174 12.98 -4.06 -7.63
CA SER D 174 13.88 -3.52 -8.64
C SER D 174 13.08 -2.67 -9.61
N LEU D 175 13.71 -1.61 -10.11
CA LEU D 175 13.05 -0.63 -10.96
C LEU D 175 13.90 -0.35 -12.19
N SER D 176 13.24 -0.20 -13.33
CA SER D 176 13.88 0.14 -14.58
C SER D 176 13.25 1.40 -15.15
N SER D 177 14.07 2.38 -15.48
CA SER D 177 13.62 3.60 -16.13
C SER D 177 14.29 3.68 -17.50
N THR D 178 13.50 3.99 -18.52
CA THR D 178 13.97 4.09 -19.90
C THR D 178 13.76 5.51 -20.38
N LEU D 179 14.85 6.14 -20.82
CA LEU D 179 14.82 7.47 -21.41
C LEU D 179 15.03 7.29 -22.91
N THR D 180 14.00 7.60 -23.69
CA THR D 180 14.04 7.44 -25.14
C THR D 180 14.12 8.83 -25.75
N LEU D 181 15.05 9.00 -26.68
CA LEU D 181 15.20 10.25 -27.39
C LEU D 181 15.39 9.94 -28.88
N SER D 182 15.33 10.98 -29.71
CA SER D 182 15.68 10.83 -31.11
C SER D 182 17.19 10.83 -31.25
N LYS D 183 17.68 10.18 -32.30
CA LYS D 183 19.12 10.17 -32.54
C LYS D 183 19.66 11.59 -32.68
N ALA D 184 18.86 12.48 -33.29
CA ALA D 184 19.27 13.86 -33.49
C ALA D 184 19.54 14.55 -32.15
N ASP D 185 18.60 14.41 -31.20
CA ASP D 185 18.81 15.03 -29.90
C ASP D 185 19.77 14.26 -29.01
N TYR D 186 19.95 12.95 -29.24
CA TYR D 186 20.92 12.21 -28.45
C TYR D 186 22.35 12.60 -28.81
N GLU D 187 22.63 12.74 -30.11
CA GLU D 187 23.97 13.14 -30.52
C GLU D 187 24.24 14.63 -30.30
N LYS D 188 23.24 15.40 -29.89
CA LYS D 188 23.43 16.83 -29.62
C LYS D 188 24.10 17.07 -28.27
N HIS D 189 23.99 16.15 -27.33
CA HIS D 189 24.49 16.33 -25.97
C HIS D 189 25.55 15.30 -25.66
N LYS D 190 26.25 15.53 -24.55
CA LYS D 190 27.43 14.75 -24.19
C LYS D 190 27.23 13.85 -22.98
N VAL D 191 26.79 14.39 -21.85
CA VAL D 191 26.75 13.66 -20.58
C VAL D 191 25.30 13.27 -20.29
N TYR D 192 25.08 11.99 -20.00
CA TYR D 192 23.76 11.51 -19.65
C TYR D 192 23.84 10.82 -18.29
N ALA D 193 22.93 11.19 -17.37
CA ALA D 193 23.01 10.75 -15.99
C ALA D 193 21.62 10.47 -15.43
N CYS D 194 21.54 9.47 -14.56
CA CYS D 194 20.35 9.24 -13.74
C CYS D 194 20.74 9.35 -12.28
N GLU D 195 19.95 10.13 -11.53
CA GLU D 195 20.15 10.38 -10.11
C GLU D 195 19.02 9.72 -9.32
N VAL D 196 19.40 8.90 -8.34
CA VAL D 196 18.46 8.05 -7.61
C VAL D 196 18.45 8.50 -6.16
N THR D 197 17.25 8.74 -5.63
CA THR D 197 17.04 9.03 -4.21
C THR D 197 16.24 7.89 -3.60
N HIS D 198 16.75 7.35 -2.49
CA HIS D 198 16.08 6.26 -1.78
C HIS D 198 16.35 6.39 -0.29
N GLN D 199 15.51 5.71 0.50
CA GLN D 199 15.65 5.75 1.95
C GLN D 199 16.97 5.15 2.42
N GLY D 200 17.54 4.23 1.65
CA GLY D 200 18.75 3.54 2.04
C GLY D 200 20.04 4.17 1.57
N LEU D 201 19.99 5.34 0.93
CA LEU D 201 21.16 6.04 0.44
C LEU D 201 21.37 7.29 1.27
N SER D 202 22.60 7.49 1.75
CA SER D 202 22.91 8.68 2.52
C SER D 202 22.66 9.94 1.71
N SER D 203 23.02 9.90 0.43
CA SER D 203 22.83 10.97 -0.55
C SER D 203 22.32 10.34 -1.82
N PRO D 204 21.63 11.11 -2.67
CA PRO D 204 21.23 10.58 -3.98
C PRO D 204 22.47 10.14 -4.75
N VAL D 205 22.38 8.97 -5.37
CA VAL D 205 23.49 8.40 -6.13
C VAL D 205 23.26 8.66 -7.61
N THR D 206 24.25 9.24 -8.28
CA THR D 206 24.17 9.55 -9.70
C THR D 206 25.10 8.61 -10.47
N LYS D 207 24.55 7.92 -11.45
CA LYS D 207 25.33 7.14 -12.40
C LYS D 207 25.20 7.77 -13.78
N SER D 208 26.32 7.92 -14.47
CA SER D 208 26.38 8.74 -15.67
C SER D 208 27.40 8.17 -16.65
N PHE D 209 27.32 8.65 -17.88
CA PHE D 209 28.31 8.30 -18.89
C PHE D 209 28.40 9.41 -19.93
N ASN D 210 29.42 9.29 -20.78
CA ASN D 210 29.64 10.21 -21.90
C ASN D 210 29.42 9.49 -23.22
N ARG D 211 29.01 10.25 -24.22
CA ARG D 211 28.73 9.72 -25.55
C ARG D 211 30.04 9.23 -26.17
N GLY D 212 30.33 7.94 -26.03
CA GLY D 212 31.54 7.36 -26.59
C GLY D 212 32.50 6.83 -25.55
N ALA E 1 -19.53 -29.74 -7.35
CA ALA E 1 -20.56 -29.20 -8.23
C ALA E 1 -21.11 -30.28 -9.16
N VAL E 2 -22.43 -30.43 -9.18
CA VAL E 2 -23.09 -31.45 -9.99
C VAL E 2 -23.49 -30.85 -11.32
N GLY E 3 -23.08 -31.50 -12.40
CA GLY E 3 -23.54 -31.16 -13.74
C GLY E 3 -24.31 -32.33 -14.34
N ILE E 4 -25.43 -32.03 -14.98
CA ILE E 4 -26.32 -33.04 -15.53
C ILE E 4 -26.22 -32.98 -17.04
N GLY E 5 -25.61 -34.00 -17.64
CA GLY E 5 -25.36 -34.02 -19.07
C GLY E 5 -26.57 -34.45 -19.89
N ALA E 6 -26.28 -34.87 -21.11
CA ALA E 6 -27.32 -35.25 -22.05
C ALA E 6 -27.81 -36.67 -21.78
N VAL E 7 -28.95 -37.01 -22.40
CA VAL E 7 -29.51 -38.34 -22.25
C VAL E 7 -28.55 -39.36 -22.86
N PHE E 8 -28.24 -40.40 -22.10
CA PHE E 8 -27.31 -41.42 -22.59
C PHE E 8 -27.99 -42.24 -23.69
N LEU E 9 -27.40 -42.20 -24.88
CA LEU E 9 -27.95 -42.91 -26.03
C LEU E 9 -26.96 -43.92 -26.57
N HIS F 1 3.52 3.39 4.87
CA HIS F 1 3.16 3.66 3.48
C HIS F 1 2.74 2.38 2.76
N HIS F 2 1.71 1.71 3.29
CA HIS F 2 1.27 0.44 2.72
C HIS F 2 0.60 0.67 1.37
N HIS F 3 1.01 -0.11 0.37
CA HIS F 3 0.42 -0.05 -0.96
C HIS F 3 -0.82 -0.95 -0.99
N HIS F 4 -1.97 -0.38 -1.34
CA HIS F 4 -3.20 -1.14 -1.35
C HIS F 4 -3.22 -2.12 -2.52
N HIS F 5 -4.20 -3.02 -2.49
CA HIS F 5 -4.35 -4.13 -3.44
C HIS F 5 -3.97 -3.80 -4.88
#